data_4ICR
#
_entry.id   4ICR
#
_cell.length_a   94.278
_cell.length_b   185.277
_cell.length_c   59.237
_cell.angle_alpha   90.00
_cell.angle_beta   90.00
_cell.angle_gamma   90.00
#
_symmetry.space_group_name_H-M   'P 21 21 2'
#
loop_
_entity.id
_entity.type
_entity.pdbx_description
1 polymer 'Aminopeptidase PepS'
2 non-polymer 'ZINC ION'
3 non-polymer 'CACODYLATE ION'
4 water water
#
_entity_poly.entity_id   1
_entity_poly.type   'polypeptide(L)'
_entity_poly.pdbx_seq_one_letter_code
;MVLPNFKENLEKYAKLLVANGINVQPGHTLALSIDVEQRELAHLIVKEAYALGAHEVIVQWTDDVINREKFLHAPMERLD
NVPEYKIAEMNYLLENKASRLGVRSSDPGALNGVDADKLSASAKAMGLAMKPMRIATQSNKVSWTVAAAAGLEWAKKVFP
NAASDEEAVDFLWDQIFKTCRVYEADPVKAWEEHAAILKSKADMLNKEQFSALHYTAPGTDLTLGLPKNHVWESAGAVNA
QGEEFLPNMPTEEVFTAPDFRRADGYVTSTKPLSYNGNIIEGIKVTFKDGQIVDITAEKGDQVMKDLVFENAGARALGEC
ALVPDPSPISQSGITFFNTLFDDNASNHLAIGAAYATSVVDGAEMSEEELEAAGLNRSDVHVDFMIGSNQMDIDGIREDG
TRVPLFRNGNWAN
;
_entity_poly.pdbx_strand_id   A,B
#
loop_
_chem_comp.id
_chem_comp.type
_chem_comp.name
_chem_comp.formula
CAC non-polymer 'CACODYLATE ION' 'C2 H6 As O2 -1'
ZN non-polymer 'ZINC ION' 'Zn 2'
#
# COMPACT_ATOMS: atom_id res chain seq x y z
N PHE A 6 17.15 -3.80 15.59
CA PHE A 6 15.95 -4.13 14.78
C PHE A 6 16.20 -3.94 13.29
N LYS A 7 16.62 -2.74 12.86
CA LYS A 7 16.86 -2.48 11.41
C LYS A 7 17.84 -3.49 10.78
N GLU A 8 18.84 -3.87 11.55
CA GLU A 8 19.79 -4.90 11.13
C GLU A 8 19.13 -6.29 11.01
N ASN A 9 18.44 -6.73 12.03
CA ASN A 9 17.76 -8.03 11.97
C ASN A 9 16.67 -8.08 10.85
N LEU A 10 15.96 -6.97 10.66
CA LEU A 10 14.89 -6.98 9.69
C LEU A 10 15.48 -7.05 8.26
N GLU A 11 16.66 -6.43 8.04
CA GLU A 11 17.28 -6.54 6.74
C GLU A 11 17.77 -7.97 6.57
N LYS A 12 18.27 -8.63 7.62
CA LYS A 12 18.67 -10.06 7.46
C LYS A 12 17.47 -10.95 7.12
N TYR A 13 16.34 -10.65 7.73
CA TYR A 13 15.09 -11.33 7.41
C TYR A 13 14.70 -11.16 5.98
N ALA A 14 14.73 -9.92 5.53
CA ALA A 14 14.51 -9.63 4.10
C ALA A 14 15.36 -10.46 3.15
N LYS A 15 16.68 -10.50 3.43
CA LYS A 15 17.59 -11.24 2.55
C LYS A 15 17.26 -12.71 2.60
N LEU A 16 17.00 -13.23 3.79
CA LEU A 16 16.64 -14.65 3.92
C LEU A 16 15.40 -14.98 3.06
N LEU A 17 14.39 -14.11 3.11
CA LEU A 17 13.14 -14.38 2.33
C LEU A 17 13.35 -14.39 0.83
N VAL A 18 14.16 -13.45 0.29
CA VAL A 18 14.38 -13.43 -1.16
C VAL A 18 15.46 -14.45 -1.65
N ALA A 19 16.37 -14.88 -0.77
CA ALA A 19 17.31 -15.93 -1.19
C ALA A 19 16.80 -17.33 -0.96
N ASN A 20 16.47 -17.74 0.26
CA ASN A 20 16.02 -19.11 0.47
C ASN A 20 14.55 -19.31 0.23
N GLY A 21 13.75 -18.28 0.52
CA GLY A 21 12.31 -18.43 0.31
C GLY A 21 12.02 -18.48 -1.18
N ILE A 22 12.14 -17.36 -1.88
CA ILE A 22 11.75 -17.29 -3.29
C ILE A 22 12.89 -17.45 -4.29
N ASN A 23 14.14 -17.49 -3.79
CA ASN A 23 15.33 -17.73 -4.68
C ASN A 23 15.31 -16.83 -5.96
N VAL A 24 15.34 -15.52 -5.76
CA VAL A 24 15.36 -14.59 -6.85
C VAL A 24 16.65 -14.78 -7.69
N GLN A 25 16.48 -14.81 -9.00
CA GLN A 25 17.58 -14.95 -9.94
C GLN A 25 17.47 -13.75 -10.86
N PRO A 26 18.58 -13.46 -11.59
CA PRO A 26 18.64 -12.37 -12.53
C PRO A 26 17.56 -12.47 -13.58
N GLY A 27 16.84 -11.37 -13.82
CA GLY A 27 15.76 -11.49 -14.80
C GLY A 27 14.37 -11.66 -14.18
N HIS A 28 14.33 -12.08 -12.92
CA HIS A 28 13.05 -12.53 -12.35
C HIS A 28 12.06 -11.37 -12.13
N THR A 29 10.76 -11.70 -12.14
CA THR A 29 9.71 -10.75 -11.64
C THR A 29 9.25 -11.33 -10.29
N LEU A 30 9.15 -10.48 -9.27
CA LEU A 30 8.63 -10.87 -7.97
C LEU A 30 7.39 -10.02 -7.63
N ALA A 31 6.34 -10.71 -7.22
CA ALA A 31 5.11 -10.09 -6.64
C ALA A 31 5.12 -10.35 -5.12
N LEU A 32 5.19 -9.25 -4.36
CA LEU A 32 5.23 -9.30 -2.95
C LEU A 32 3.83 -8.83 -2.46
N SER A 33 3.21 -9.67 -1.65
CA SER A 33 1.91 -9.33 -1.05
C SER A 33 2.21 -9.11 0.46
N ILE A 34 1.94 -7.91 0.98
CA ILE A 34 2.42 -7.47 2.30
C ILE A 34 1.52 -6.32 2.83
N ASP A 35 1.31 -6.27 4.15
CA ASP A 35 0.48 -5.17 4.76
C ASP A 35 1.20 -3.79 4.71
N VAL A 36 0.47 -2.73 4.36
CA VAL A 36 0.97 -1.36 4.44
C VAL A 36 1.66 -1.08 5.75
N GLU A 37 1.18 -1.70 6.83
CA GLU A 37 1.80 -1.58 8.19
C GLU A 37 3.29 -2.00 8.19
N GLN A 38 3.66 -2.90 7.29
CA GLN A 38 5.01 -3.44 7.22
C GLN A 38 5.76 -2.75 6.10
N ARG A 39 5.48 -1.48 5.84
CA ARG A 39 6.25 -0.77 4.82
C ARG A 39 7.84 -0.83 4.90
N GLU A 40 8.40 -0.81 6.09
CA GLU A 40 9.85 -0.94 6.34
C GLU A 40 10.37 -2.31 5.87
N LEU A 41 9.71 -3.41 6.26
CA LEU A 41 10.07 -4.73 5.73
C LEU A 41 9.90 -4.78 4.22
N ALA A 42 8.86 -4.13 3.70
CA ALA A 42 8.74 -4.14 2.24
C ALA A 42 9.85 -3.39 1.56
N HIS A 43 10.27 -2.21 2.08
CA HIS A 43 11.39 -1.52 1.42
C HIS A 43 12.60 -2.45 1.32
N LEU A 44 12.89 -3.14 2.41
CA LEU A 44 14.06 -4.05 2.47
C LEU A 44 13.92 -5.23 1.51
N ILE A 45 12.75 -5.80 1.43
CA ILE A 45 12.54 -6.93 0.50
C ILE A 45 12.76 -6.47 -0.95
N VAL A 46 12.16 -5.33 -1.28
CA VAL A 46 12.32 -4.81 -2.63
C VAL A 46 13.83 -4.54 -2.93
N LYS A 47 14.55 -3.88 -1.99
CA LYS A 47 15.99 -3.58 -2.12
C LYS A 47 16.78 -4.88 -2.33
N GLU A 48 16.61 -5.86 -1.45
CA GLU A 48 17.30 -7.12 -1.61
C GLU A 48 16.91 -7.85 -2.86
N ALA A 49 15.64 -7.78 -3.29
CA ALA A 49 15.28 -8.46 -4.52
C ALA A 49 16.00 -7.89 -5.78
N TYR A 50 15.98 -6.55 -5.93
CA TYR A 50 16.75 -5.96 -7.00
C TYR A 50 18.28 -6.25 -6.91
N ALA A 51 18.83 -6.41 -5.72
CA ALA A 51 20.26 -6.65 -5.60
C ALA A 51 20.60 -8.06 -6.03
N LEU A 52 19.67 -9.02 -5.93
CA LEU A 52 19.90 -10.34 -6.50
C LEU A 52 19.58 -10.38 -7.98
N GLY A 53 19.23 -9.25 -8.61
CA GLY A 53 19.06 -9.22 -10.09
C GLY A 53 17.63 -9.18 -10.69
N ALA A 54 16.62 -9.10 -9.86
CA ALA A 54 15.23 -9.05 -10.35
C ALA A 54 15.09 -7.89 -11.31
N HIS A 55 14.29 -8.04 -12.34
CA HIS A 55 14.02 -6.92 -13.21
C HIS A 55 12.81 -6.07 -12.81
N GLU A 56 11.97 -6.63 -11.95
CA GLU A 56 10.76 -5.94 -11.47
C GLU A 56 10.25 -6.56 -10.17
N VAL A 57 9.96 -5.72 -9.17
CA VAL A 57 9.21 -6.17 -7.99
C VAL A 57 7.86 -5.46 -7.95
N ILE A 58 6.75 -6.17 -7.98
CA ILE A 58 5.46 -5.51 -7.89
C ILE A 58 4.91 -5.72 -6.48
N VAL A 59 4.64 -4.63 -5.77
CA VAL A 59 4.10 -4.70 -4.42
C VAL A 59 2.57 -4.59 -4.45
N GLN A 60 1.90 -5.67 -4.08
CA GLN A 60 0.45 -5.72 -3.87
C GLN A 60 0.13 -5.48 -2.38
N TRP A 61 -0.17 -4.22 -2.01
CA TRP A 61 -0.23 -3.83 -0.63
C TRP A 61 -1.57 -4.30 -0.08
N THR A 62 -1.60 -4.81 1.15
CA THR A 62 -2.83 -5.30 1.78
C THR A 62 -3.14 -4.42 3.00
N ASP A 63 -4.42 -4.36 3.38
CA ASP A 63 -4.81 -3.59 4.55
C ASP A 63 -6.10 -4.16 5.08
N ASP A 64 -6.07 -4.70 6.30
CA ASP A 64 -7.25 -5.35 6.87
C ASP A 64 -8.42 -4.37 7.11
N VAL A 65 -8.11 -3.19 7.63
CA VAL A 65 -9.21 -2.23 7.89
C VAL A 65 -9.93 -1.86 6.65
N ILE A 66 -9.20 -1.63 5.56
CA ILE A 66 -9.87 -1.21 4.33
C ILE A 66 -10.57 -2.33 3.58
N ASN A 67 -10.02 -3.51 3.67
CA ASN A 67 -10.66 -4.67 3.03
C ASN A 67 -11.92 -5.00 3.82
N ARG A 68 -11.89 -4.85 5.12
CA ARG A 68 -13.14 -5.04 5.89
C ARG A 68 -14.25 -4.03 5.48
N GLU A 69 -13.88 -2.76 5.34
CA GLU A 69 -14.77 -1.80 4.75
C GLU A 69 -15.39 -2.19 3.45
N LYS A 70 -14.59 -2.67 2.48
CA LYS A 70 -15.17 -3.04 1.18
C LYS A 70 -16.25 -4.14 1.45
N PHE A 71 -15.91 -5.13 2.29
CA PHE A 71 -16.84 -6.25 2.59
C PHE A 71 -18.16 -5.86 3.27
N LEU A 72 -18.08 -4.96 4.24
CA LEU A 72 -19.25 -4.32 4.87
C LEU A 72 -20.20 -3.57 3.92
N HIS A 73 -19.65 -2.78 2.98
CA HIS A 73 -20.41 -1.75 2.29
C HIS A 73 -20.58 -2.05 0.81
N ALA A 74 -19.68 -2.82 0.20
CA ALA A 74 -19.83 -2.88 -1.24
C ALA A 74 -21.05 -3.72 -1.57
N PRO A 75 -21.76 -3.37 -2.66
CA PRO A 75 -22.88 -4.21 -3.08
C PRO A 75 -22.40 -5.57 -3.66
N MET A 76 -23.27 -6.57 -3.53
CA MET A 76 -22.98 -7.89 -4.03
C MET A 76 -22.51 -7.91 -5.45
N GLU A 77 -23.04 -7.04 -6.30
CA GLU A 77 -22.58 -6.92 -7.66
C GLU A 77 -21.07 -6.63 -7.79
N ARG A 78 -20.47 -5.85 -6.87
CA ARG A 78 -19.01 -5.66 -6.89
C ARG A 78 -18.22 -6.84 -6.27
N LEU A 79 -18.90 -7.76 -5.60
CA LEU A 79 -18.22 -8.85 -4.98
C LEU A 79 -18.23 -10.12 -5.79
N ASP A 80 -19.31 -10.39 -6.48
CA ASP A 80 -19.29 -11.63 -7.16
C ASP A 80 -18.89 -11.54 -8.65
N ASN A 81 -18.49 -10.37 -9.11
CA ASN A 81 -17.93 -10.19 -10.46
C ASN A 81 -16.48 -9.67 -10.24
N VAL A 82 -15.46 -10.38 -10.73
CA VAL A 82 -14.08 -9.90 -10.63
C VAL A 82 -13.82 -8.99 -11.82
N PRO A 83 -13.44 -7.74 -11.58
CA PRO A 83 -13.17 -6.82 -12.69
C PRO A 83 -12.02 -7.33 -13.63
N GLU A 84 -12.16 -7.06 -14.91
CA GLU A 84 -11.19 -7.51 -15.90
C GLU A 84 -9.74 -7.04 -15.60
N TYR A 85 -9.57 -5.84 -15.05
CA TYR A 85 -8.21 -5.38 -14.74
C TYR A 85 -7.47 -6.26 -13.74
N LYS A 86 -8.16 -6.99 -12.86
CA LYS A 86 -7.45 -7.91 -11.91
C LYS A 86 -7.05 -9.22 -12.60
N ILE A 87 -7.85 -9.65 -13.55
CA ILE A 87 -7.45 -10.79 -14.35
C ILE A 87 -6.22 -10.39 -15.20
N ALA A 88 -6.22 -9.18 -15.78
CA ALA A 88 -5.09 -8.69 -16.60
C ALA A 88 -3.86 -8.61 -15.72
N GLU A 89 -4.02 -8.15 -14.47
CA GLU A 89 -2.87 -8.15 -13.56
C GLU A 89 -2.32 -9.58 -13.34
N MET A 90 -3.21 -10.55 -13.09
CA MET A 90 -2.76 -11.94 -12.89
C MET A 90 -2.03 -12.48 -14.15
N ASN A 91 -2.62 -12.23 -15.33
CA ASN A 91 -2.04 -12.61 -16.59
C ASN A 91 -0.65 -11.99 -16.76
N TYR A 92 -0.45 -10.71 -16.40
CA TYR A 92 0.92 -10.16 -16.46
C TYR A 92 1.92 -10.97 -15.58
N LEU A 93 1.50 -11.32 -14.38
CA LEU A 93 2.34 -12.05 -13.47
C LEU A 93 2.62 -13.46 -14.01
N LEU A 94 1.59 -14.11 -14.52
CA LEU A 94 1.74 -15.38 -15.11
C LEU A 94 2.71 -15.33 -16.29
N GLU A 95 2.48 -14.40 -17.21
CA GLU A 95 3.37 -14.34 -18.41
C GLU A 95 4.85 -14.09 -18.06
N ASN A 96 5.11 -13.32 -17.01
CA ASN A 96 6.51 -13.08 -16.52
C ASN A 96 7.02 -14.10 -15.47
N LYS A 97 6.34 -15.23 -15.39
CA LYS A 97 6.63 -16.26 -14.39
C LYS A 97 6.91 -15.65 -13.02
N ALA A 98 6.09 -14.71 -12.59
CA ALA A 98 6.44 -14.03 -11.39
C ALA A 98 6.45 -15.00 -10.16
N SER A 99 7.48 -14.94 -9.28
CA SER A 99 7.47 -15.58 -7.94
C SER A 99 6.45 -14.83 -6.97
N ARG A 100 5.88 -15.56 -6.01
CA ARG A 100 4.84 -14.98 -5.15
C ARG A 100 5.36 -15.02 -3.72
N LEU A 101 5.74 -13.88 -3.19
CA LEU A 101 6.12 -13.86 -1.78
C LEU A 101 4.95 -13.21 -0.96
N GLY A 102 4.43 -13.97 -0.04
CA GLY A 102 3.25 -13.54 0.74
C GLY A 102 3.71 -13.41 2.17
N VAL A 103 3.82 -12.17 2.67
CA VAL A 103 4.21 -11.96 4.02
C VAL A 103 2.94 -11.48 4.82
N ARG A 104 2.53 -12.29 5.77
CA ARG A 104 1.19 -12.19 6.39
C ARG A 104 1.39 -12.00 7.87
N SER A 105 0.60 -11.08 8.38
CA SER A 105 0.32 -10.97 9.78
C SER A 105 -1.12 -11.40 10.06
N SER A 106 -1.30 -12.32 10.99
CA SER A 106 -2.60 -12.95 11.08
C SER A 106 -3.47 -12.43 12.20
N ASP A 107 -4.33 -11.48 11.88
CA ASP A 107 -5.41 -11.17 12.83
C ASP A 107 -6.71 -11.88 12.41
N PRO A 108 -7.26 -12.73 13.31
CA PRO A 108 -8.38 -13.63 12.94
C PRO A 108 -9.71 -12.87 12.96
N GLY A 109 -9.88 -11.97 13.91
CA GLY A 109 -11.03 -11.08 13.85
C GLY A 109 -10.80 -9.84 13.00
N ALA A 110 -10.01 -9.96 11.92
CA ALA A 110 -9.91 -8.87 10.93
C ALA A 110 -11.18 -8.71 10.08
N LEU A 111 -12.01 -9.74 10.07
CA LEU A 111 -13.28 -9.70 9.33
C LEU A 111 -14.53 -9.76 10.25
N ASN A 112 -14.40 -9.25 11.47
CA ASN A 112 -15.53 -9.14 12.41
C ASN A 112 -16.66 -8.32 11.88
N GLY A 113 -17.88 -8.84 11.99
CA GLY A 113 -19.09 -8.11 11.54
C GLY A 113 -19.35 -8.30 10.07
N VAL A 114 -18.46 -9.01 9.39
CA VAL A 114 -18.64 -9.22 7.95
C VAL A 114 -19.59 -10.36 7.67
N ASP A 115 -20.55 -10.17 6.79
CA ASP A 115 -21.41 -11.28 6.47
C ASP A 115 -20.68 -12.48 5.73
N ALA A 116 -20.88 -13.70 6.24
CA ALA A 116 -20.26 -14.92 5.66
C ALA A 116 -20.65 -15.11 4.20
N ASP A 117 -21.91 -14.83 3.85
CA ASP A 117 -22.36 -14.98 2.46
C ASP A 117 -21.66 -14.02 1.47
N LYS A 118 -21.41 -12.78 1.89
CA LYS A 118 -20.67 -11.85 1.03
C LYS A 118 -19.21 -12.36 0.93
N LEU A 119 -18.61 -12.77 2.03
CA LEU A 119 -17.24 -13.28 1.94
C LEU A 119 -17.20 -14.47 1.02
N SER A 120 -18.13 -15.39 1.19
CA SER A 120 -18.18 -16.58 0.36
C SER A 120 -18.43 -16.30 -1.12
N ALA A 121 -19.23 -15.28 -1.40
CA ALA A 121 -19.46 -14.94 -2.79
C ALA A 121 -18.15 -14.43 -3.44
N SER A 122 -17.41 -13.65 -2.69
CA SER A 122 -16.20 -13.10 -3.24
C SER A 122 -15.16 -14.22 -3.45
N ALA A 123 -14.99 -15.07 -2.45
CA ALA A 123 -14.01 -16.17 -2.42
C ALA A 123 -14.29 -17.09 -3.61
N LYS A 124 -15.57 -17.35 -3.88
CA LYS A 124 -15.97 -18.11 -5.05
C LYS A 124 -15.64 -17.42 -6.39
N ALA A 125 -16.04 -16.16 -6.56
CA ALA A 125 -15.75 -15.48 -7.82
C ALA A 125 -14.21 -15.37 -7.99
N MET A 126 -13.49 -15.06 -6.93
CA MET A 126 -12.00 -14.97 -6.99
C MET A 126 -11.36 -16.31 -7.24
N GLY A 127 -11.87 -17.32 -6.54
CA GLY A 127 -11.38 -18.69 -6.76
C GLY A 127 -11.44 -19.13 -8.22
N LEU A 128 -12.48 -18.73 -8.95
CA LEU A 128 -12.58 -19.07 -10.38
C LEU A 128 -11.74 -18.21 -11.23
N ALA A 129 -11.80 -16.92 -11.01
CA ALA A 129 -11.05 -15.99 -11.89
C ALA A 129 -9.47 -16.16 -11.75
N MET A 130 -8.96 -16.45 -10.53
CA MET A 130 -7.53 -16.60 -10.28
C MET A 130 -7.03 -18.07 -10.39
N LYS A 131 -7.90 -19.01 -10.79
CA LYS A 131 -7.51 -20.41 -10.98
C LYS A 131 -6.18 -20.58 -11.79
N PRO A 132 -6.00 -19.88 -12.92
CA PRO A 132 -4.63 -20.03 -13.58
C PRO A 132 -3.48 -19.76 -12.59
N MET A 133 -3.60 -18.76 -11.71
CA MET A 133 -2.55 -18.48 -10.71
C MET A 133 -2.47 -19.58 -9.64
N ARG A 134 -3.61 -20.10 -9.20
CA ARG A 134 -3.61 -21.22 -8.20
C ARG A 134 -2.97 -22.49 -8.79
N ILE A 135 -3.26 -22.78 -10.05
CA ILE A 135 -2.64 -23.98 -10.69
C ILE A 135 -1.14 -23.83 -10.81
N ALA A 136 -0.69 -22.62 -11.13
CA ALA A 136 0.73 -22.37 -11.32
C ALA A 136 1.49 -22.54 -10.01
N THR A 137 0.95 -21.96 -8.93
CA THR A 137 1.59 -22.13 -7.65
C THR A 137 1.46 -23.54 -7.08
N GLN A 138 0.27 -24.19 -7.15
CA GLN A 138 0.10 -25.54 -6.56
C GLN A 138 0.95 -26.55 -7.23
N SER A 139 1.06 -26.42 -8.54
CA SER A 139 1.90 -27.32 -9.30
C SER A 139 3.34 -26.84 -9.27
N ASN A 140 3.68 -25.85 -8.45
CA ASN A 140 5.05 -25.35 -8.45
C ASN A 140 5.66 -24.89 -9.76
N LYS A 141 4.86 -24.36 -10.68
CA LYS A 141 5.39 -23.74 -11.85
C LYS A 141 6.19 -22.51 -11.56
N VAL A 142 5.82 -21.75 -10.52
CA VAL A 142 6.63 -20.59 -10.13
C VAL A 142 7.02 -20.81 -8.69
N SER A 143 8.12 -20.19 -8.24
CA SER A 143 8.40 -20.17 -6.82
C SER A 143 7.37 -19.34 -5.97
N TRP A 144 7.10 -19.77 -4.72
CA TRP A 144 6.21 -19.01 -3.81
C TRP A 144 6.63 -19.34 -2.35
N THR A 145 6.48 -18.39 -1.44
CA THR A 145 6.80 -18.55 -0.04
C THR A 145 5.65 -17.83 0.74
N VAL A 146 5.24 -18.44 1.85
CA VAL A 146 4.42 -17.79 2.83
C VAL A 146 5.31 -17.59 4.06
N ALA A 147 5.32 -16.37 4.57
CA ALA A 147 6.05 -16.03 5.77
C ALA A 147 5.21 -15.04 6.58
N ALA A 148 5.79 -14.63 7.74
CA ALA A 148 5.08 -13.79 8.67
C ALA A 148 5.78 -12.47 8.97
N ALA A 149 4.98 -11.56 9.50
CA ALA A 149 5.47 -10.25 9.90
C ALA A 149 4.68 -9.89 11.13
N ALA A 150 5.27 -9.12 12.06
CA ALA A 150 4.65 -8.92 13.38
C ALA A 150 3.71 -7.71 13.36
N GLY A 151 2.47 -7.96 12.95
CA GLY A 151 1.42 -6.91 12.92
C GLY A 151 0.86 -6.72 14.34
N LEU A 152 0.43 -5.51 14.62
CA LEU A 152 -0.11 -5.13 15.93
C LEU A 152 -1.23 -6.04 16.45
N GLU A 153 -2.29 -6.22 15.67
CA GLU A 153 -3.47 -7.03 16.16
C GLU A 153 -3.13 -8.49 16.36
N TRP A 154 -2.25 -9.06 15.51
CA TRP A 154 -1.77 -10.45 15.81
C TRP A 154 -0.95 -10.49 17.07
N ALA A 155 -0.05 -9.53 17.19
CA ALA A 155 0.86 -9.50 18.32
C ALA A 155 0.10 -9.41 19.66
N LYS A 156 -0.93 -8.55 19.74
CA LYS A 156 -1.80 -8.46 20.95
C LYS A 156 -2.47 -9.79 21.24
N LYS A 157 -2.81 -10.54 20.19
CA LYS A 157 -3.39 -11.87 20.37
C LYS A 157 -2.39 -12.91 20.89
N VAL A 158 -1.17 -12.88 20.37
CA VAL A 158 -0.14 -13.81 20.85
C VAL A 158 0.36 -13.48 22.27
N PHE A 159 0.38 -12.20 22.61
CA PHE A 159 0.94 -11.78 23.87
C PHE A 159 -0.03 -10.86 24.58
N PRO A 160 -1.18 -11.39 25.00
CA PRO A 160 -2.26 -10.59 25.55
C PRO A 160 -1.91 -9.96 26.89
N ASN A 161 -0.80 -10.39 27.49
CA ASN A 161 -0.36 -9.88 28.82
C ASN A 161 0.83 -8.95 28.67
N ALA A 162 1.09 -8.42 27.48
CA ALA A 162 2.23 -7.53 27.37
C ALA A 162 1.95 -6.15 27.99
N ALA A 163 3.02 -5.43 28.31
CA ALA A 163 2.95 -4.19 29.10
C ALA A 163 2.36 -3.13 28.22
N SER A 164 2.52 -3.30 26.92
CA SER A 164 2.04 -2.34 25.93
C SER A 164 2.07 -2.91 24.52
N ASP A 165 1.45 -2.15 23.62
CA ASP A 165 1.43 -2.46 22.22
C ASP A 165 2.86 -2.58 21.63
N GLU A 166 3.77 -1.64 21.89
CA GLU A 166 5.16 -1.80 21.37
C GLU A 166 5.69 -3.11 21.86
N GLU A 167 5.52 -3.41 23.16
CA GLU A 167 6.12 -4.61 23.71
C GLU A 167 5.55 -5.84 23.04
N ALA A 168 4.24 -5.89 22.90
CA ALA A 168 3.60 -7.05 22.24
C ALA A 168 4.26 -7.24 20.87
N VAL A 169 4.32 -6.16 20.09
CA VAL A 169 4.96 -6.21 18.77
C VAL A 169 6.43 -6.69 18.78
N ASP A 170 7.23 -6.14 19.73
CA ASP A 170 8.65 -6.53 19.87
C ASP A 170 8.82 -7.99 20.25
N PHE A 171 7.94 -8.49 21.12
CA PHE A 171 7.98 -9.92 21.51
C PHE A 171 7.67 -10.82 20.32
N LEU A 172 6.74 -10.40 19.48
CA LEU A 172 6.38 -11.19 18.31
C LEU A 172 7.50 -11.12 17.24
N TRP A 173 8.10 -9.95 17.01
CA TRP A 173 9.24 -9.87 16.09
C TRP A 173 10.39 -10.79 16.55
N ASP A 174 10.64 -10.74 17.85
CA ASP A 174 11.66 -11.57 18.43
C ASP A 174 11.38 -13.07 18.18
N GLN A 175 10.14 -13.52 18.31
CA GLN A 175 9.80 -14.90 17.98
C GLN A 175 10.01 -15.24 16.49
N ILE A 176 9.63 -14.31 15.63
CA ILE A 176 9.81 -14.50 14.21
C ILE A 176 11.31 -14.58 13.87
N PHE A 177 12.11 -13.68 14.44
CA PHE A 177 13.56 -13.70 14.16
C PHE A 177 14.19 -14.99 14.72
N LYS A 178 13.76 -15.38 15.91
CA LYS A 178 14.35 -16.56 16.52
C LYS A 178 14.04 -17.80 15.73
N THR A 179 12.78 -17.95 15.30
CA THR A 179 12.38 -19.21 14.68
C THR A 179 12.81 -19.30 13.20
N CYS A 180 13.10 -18.16 12.58
CA CYS A 180 13.59 -18.10 11.20
C CYS A 180 15.14 -17.98 11.13
N ARG A 181 15.80 -18.11 12.27
CA ARG A 181 17.27 -18.24 12.27
C ARG A 181 18.00 -16.95 11.93
N VAL A 182 17.29 -15.84 12.09
CA VAL A 182 17.79 -14.51 11.76
C VAL A 182 18.98 -14.02 12.67
N TYR A 183 19.03 -14.51 13.89
CA TYR A 183 20.03 -14.10 14.86
C TYR A 183 21.34 -14.87 14.60
N GLU A 184 21.27 -15.96 13.86
CA GLU A 184 22.48 -16.56 13.26
C GLU A 184 23.28 -15.61 12.36
N ALA A 185 24.59 -15.85 12.30
CA ALA A 185 25.51 -14.98 11.58
C ALA A 185 25.24 -15.03 10.07
N ASP A 186 24.81 -16.18 9.58
CA ASP A 186 24.51 -16.24 8.17
C ASP A 186 23.20 -17.07 7.97
N PRO A 187 22.04 -16.41 8.12
CA PRO A 187 20.77 -17.12 7.99
C PRO A 187 20.57 -17.83 6.67
N VAL A 188 21.02 -17.22 5.57
CA VAL A 188 20.89 -17.85 4.26
C VAL A 188 21.55 -19.25 4.31
N LYS A 189 22.74 -19.29 4.90
CA LYS A 189 23.50 -20.52 4.98
C LYS A 189 22.81 -21.47 5.92
N ALA A 190 22.38 -20.94 7.08
CA ALA A 190 21.72 -21.77 8.11
C ALA A 190 20.47 -22.52 7.56
N TRP A 191 19.77 -21.86 6.62
CA TRP A 191 18.55 -22.44 6.04
C TRP A 191 18.91 -23.41 4.90
N GLU A 192 19.92 -23.09 4.12
CA GLU A 192 20.40 -24.08 3.16
C GLU A 192 20.73 -25.40 3.88
N GLU A 193 21.44 -25.29 4.98
CA GLU A 193 21.87 -26.47 5.71
C GLU A 193 20.66 -27.18 6.36
N HIS A 194 19.75 -26.40 6.92
CA HIS A 194 18.62 -26.97 7.64
C HIS A 194 17.68 -27.61 6.65
N ALA A 195 17.45 -26.96 5.51
CA ALA A 195 16.69 -27.58 4.46
C ALA A 195 17.27 -28.90 4.02
N ALA A 196 18.62 -29.01 3.93
CA ALA A 196 19.18 -30.30 3.44
C ALA A 196 19.00 -31.41 4.42
N ILE A 197 19.14 -31.10 5.71
CA ILE A 197 18.87 -32.02 6.84
C ILE A 197 17.40 -32.50 6.83
N LEU A 198 16.42 -31.57 6.79
CA LEU A 198 14.98 -31.96 6.66
C LEU A 198 14.74 -32.88 5.47
N LYS A 199 15.35 -32.57 4.33
CA LYS A 199 15.16 -33.35 3.15
C LYS A 199 15.83 -34.77 3.29
N SER A 200 16.93 -34.84 4.00
CA SER A 200 17.55 -36.16 4.22
C SER A 200 16.72 -37.01 5.21
N LYS A 201 16.06 -36.38 6.21
CA LYS A 201 15.08 -37.15 7.04
C LYS A 201 13.92 -37.73 6.19
N ALA A 202 13.33 -36.90 5.34
CA ALA A 202 12.26 -37.36 4.49
C ALA A 202 12.76 -38.44 3.55
N ASP A 203 13.93 -38.22 2.93
CA ASP A 203 14.53 -39.19 2.00
C ASP A 203 14.81 -40.50 2.76
N MET A 204 15.36 -40.41 3.96
CA MET A 204 15.58 -41.63 4.76
C MET A 204 14.29 -42.42 5.04
N LEU A 205 13.22 -41.71 5.36
CA LEU A 205 12.01 -42.40 5.77
C LEU A 205 11.36 -42.93 4.52
N ASN A 206 11.58 -42.25 3.42
CA ASN A 206 10.99 -42.71 2.17
C ASN A 206 11.67 -43.99 1.67
N LYS A 207 12.99 -44.12 1.91
CA LYS A 207 13.71 -45.35 1.55
C LYS A 207 13.34 -46.47 2.55
N GLU A 208 12.96 -46.11 3.78
CA GLU A 208 12.57 -47.15 4.77
C GLU A 208 11.25 -47.85 4.44
N GLN A 209 10.23 -47.06 4.10
CA GLN A 209 8.85 -47.53 3.89
C GLN A 209 8.36 -48.43 5.00
N PHE A 210 8.58 -47.95 6.23
CA PHE A 210 8.07 -48.57 7.41
C PHE A 210 6.65 -49.03 7.25
N SER A 211 6.36 -50.14 7.90
CA SER A 211 5.01 -50.67 8.00
C SER A 211 4.18 -49.89 9.08
N ALA A 212 4.84 -49.44 10.14
CA ALA A 212 4.10 -48.80 11.24
C ALA A 212 5.03 -47.98 12.11
N LEU A 213 4.44 -47.23 13.03
CA LEU A 213 5.16 -46.35 13.87
C LEU A 213 4.69 -46.62 15.33
N HIS A 214 5.63 -46.82 16.23
CA HIS A 214 5.30 -47.07 17.63
C HIS A 214 5.74 -45.88 18.46
N TYR A 215 4.79 -45.19 19.09
CA TYR A 215 5.04 -44.01 19.90
C TYR A 215 4.80 -44.34 21.38
N THR A 216 5.73 -43.98 22.25
CA THR A 216 5.51 -44.11 23.67
C THR A 216 5.99 -42.85 24.39
N ALA A 217 5.15 -42.37 25.30
CA ALA A 217 5.45 -41.22 26.12
C ALA A 217 4.48 -41.22 27.26
N PRO A 218 4.72 -40.39 28.25
CA PRO A 218 3.74 -40.19 29.31
C PRO A 218 2.31 -39.98 28.76
N GLY A 219 1.39 -40.91 29.02
CA GLY A 219 0.02 -40.80 28.51
C GLY A 219 -0.10 -41.19 27.02
N THR A 220 0.90 -41.87 26.49
CA THR A 220 0.89 -42.33 25.09
C THR A 220 1.49 -43.72 24.82
N ASP A 221 0.72 -44.59 24.15
CA ASP A 221 1.20 -45.89 23.65
C ASP A 221 0.39 -46.23 22.43
N LEU A 222 1.00 -46.12 21.28
CA LEU A 222 0.18 -46.08 20.04
C LEU A 222 0.96 -46.65 18.92
N THR A 223 0.32 -47.52 18.16
CA THR A 223 0.90 -48.08 16.95
C THR A 223 0.04 -47.62 15.80
N LEU A 224 0.66 -47.03 14.76
CA LEU A 224 -0.09 -46.52 13.64
C LEU A 224 0.52 -47.18 12.47
N GLY A 225 -0.27 -47.82 11.66
CA GLY A 225 0.33 -48.37 10.47
C GLY A 225 0.39 -47.27 9.39
N LEU A 226 1.32 -47.45 8.45
CA LEU A 226 1.51 -46.52 7.33
C LEU A 226 1.07 -47.19 6.04
N PRO A 227 0.57 -46.40 5.06
CA PRO A 227 0.12 -46.99 3.82
C PRO A 227 1.30 -47.46 3.02
N LYS A 228 1.03 -48.46 2.17
CA LYS A 228 1.99 -48.95 1.20
C LYS A 228 2.32 -47.77 0.24
N ASN A 229 3.58 -47.64 -0.15
CA ASN A 229 4.03 -46.54 -1.03
C ASN A 229 3.66 -45.13 -0.51
N HIS A 230 3.98 -44.90 0.77
CA HIS A 230 3.68 -43.59 1.38
C HIS A 230 4.78 -42.61 0.99
N VAL A 231 4.46 -41.31 1.02
CA VAL A 231 5.50 -40.26 0.81
C VAL A 231 5.63 -39.31 2.01
N TRP A 232 6.81 -39.27 2.57
CA TRP A 232 7.17 -38.24 3.53
C TRP A 232 7.65 -36.97 2.77
N GLU A 233 7.10 -35.82 3.19
CA GLU A 233 7.48 -34.52 2.68
C GLU A 233 8.00 -33.59 3.75
N SER A 234 8.98 -32.74 3.36
CA SER A 234 9.41 -31.60 4.19
C SER A 234 10.10 -30.53 3.35
N ALA A 235 10.46 -29.44 4.04
CA ALA A 235 11.37 -28.42 3.50
C ALA A 235 10.93 -27.94 2.13
N GLY A 236 11.89 -27.89 1.20
CA GLY A 236 11.76 -27.10 -0.02
C GLY A 236 11.14 -27.78 -1.20
N ALA A 237 10.85 -27.04 -2.26
CA ALA A 237 10.42 -27.64 -3.49
C ALA A 237 11.36 -27.14 -4.61
N VAL A 238 11.03 -27.52 -5.84
CA VAL A 238 11.73 -27.06 -7.01
C VAL A 238 10.71 -26.60 -8.03
N ASN A 239 10.94 -25.47 -8.67
CA ASN A 239 9.95 -24.96 -9.60
C ASN A 239 10.24 -25.47 -11.02
N ALA A 240 9.46 -25.01 -11.97
CA ALA A 240 9.39 -25.63 -13.32
C ALA A 240 10.71 -25.30 -14.07
N GLN A 241 11.43 -24.28 -13.64
CA GLN A 241 12.73 -23.94 -14.25
C GLN A 241 13.90 -24.53 -13.49
N GLY A 242 13.65 -25.45 -12.58
CA GLY A 242 14.72 -26.02 -11.78
C GLY A 242 15.26 -25.28 -10.55
N GLU A 243 14.57 -24.21 -10.12
CA GLU A 243 15.08 -23.42 -9.01
C GLU A 243 14.47 -23.95 -7.72
N GLU A 244 15.34 -24.13 -6.76
CA GLU A 244 15.11 -24.59 -5.41
C GLU A 244 14.36 -23.38 -4.72
N PHE A 245 13.26 -23.66 -4.01
CA PHE A 245 12.57 -22.62 -3.19
C PHE A 245 11.92 -23.22 -1.95
N LEU A 246 11.60 -22.36 -0.99
CA LEU A 246 10.99 -22.80 0.23
C LEU A 246 9.53 -22.26 0.37
N PRO A 247 8.51 -23.12 0.26
CA PRO A 247 7.14 -22.63 0.31
C PRO A 247 6.78 -22.00 1.66
N ASN A 248 7.44 -22.42 2.73
CA ASN A 248 7.12 -21.87 4.05
C ASN A 248 8.37 -21.47 4.76
N MET A 249 8.31 -20.29 5.39
CA MET A 249 9.36 -19.74 6.25
C MET A 249 8.64 -19.21 7.50
N PRO A 250 8.86 -19.90 8.62
CA PRO A 250 9.84 -20.98 8.75
C PRO A 250 9.17 -22.34 8.49
N THR A 251 9.92 -23.45 8.61
CA THR A 251 9.37 -24.78 8.49
C THR A 251 10.25 -25.80 9.32
N GLU A 252 9.64 -26.85 9.91
CA GLU A 252 10.36 -27.98 10.58
C GLU A 252 9.77 -29.34 10.20
N GLU A 253 8.47 -29.45 9.98
CA GLU A 253 7.93 -30.81 10.09
C GLU A 253 8.30 -31.66 8.92
N VAL A 254 8.29 -32.97 9.17
CA VAL A 254 8.44 -33.97 8.12
C VAL A 254 7.21 -34.84 8.31
N PHE A 255 6.33 -34.88 7.31
CA PHE A 255 5.04 -35.51 7.53
C PHE A 255 4.60 -36.48 6.42
N THR A 256 3.79 -37.49 6.78
CA THR A 256 3.09 -38.30 5.79
C THR A 256 1.66 -38.61 6.31
N ALA A 257 0.99 -39.60 5.71
CA ALA A 257 -0.34 -40.01 6.13
C ALA A 257 -0.23 -41.37 6.77
N PRO A 258 -0.98 -41.63 7.85
CA PRO A 258 -0.94 -43.04 8.30
C PRO A 258 -1.96 -43.81 7.46
N ASP A 259 -1.94 -45.14 7.48
CA ASP A 259 -3.08 -45.90 6.93
C ASP A 259 -4.30 -45.74 7.87
N PHE A 260 -5.37 -45.12 7.38
CA PHE A 260 -6.44 -44.77 8.28
C PHE A 260 -7.15 -45.97 8.89
N ARG A 261 -6.89 -47.18 8.41
CA ARG A 261 -7.57 -48.34 9.00
C ARG A 261 -6.64 -49.14 9.88
N ARG A 262 -5.43 -48.60 10.14
CA ARG A 262 -4.46 -49.18 11.07
C ARG A 262 -4.01 -48.30 12.28
N ALA A 263 -4.73 -48.42 13.39
CA ALA A 263 -4.37 -47.71 14.62
C ALA A 263 -4.81 -48.46 15.90
N ASP A 264 -3.88 -48.73 16.82
CA ASP A 264 -4.32 -49.18 18.16
C ASP A 264 -3.54 -48.49 19.25
N GLY A 265 -4.24 -48.11 20.31
CA GLY A 265 -3.58 -47.57 21.49
C GLY A 265 -4.16 -46.21 21.81
N TYR A 266 -3.37 -45.37 22.48
CA TYR A 266 -3.87 -44.10 22.97
C TYR A 266 -2.78 -43.03 22.91
N VAL A 267 -3.15 -41.77 22.90
CA VAL A 267 -2.20 -40.67 22.75
C VAL A 267 -2.75 -39.43 23.44
N THR A 268 -1.87 -38.72 24.15
CA THR A 268 -2.24 -37.46 24.82
C THR A 268 -1.53 -36.25 24.20
N SER A 269 -2.25 -35.15 24.06
CA SER A 269 -1.69 -33.92 23.50
C SER A 269 -0.79 -33.26 24.51
N THR A 270 0.14 -32.44 24.04
CA THR A 270 1.17 -31.87 24.91
C THR A 270 1.14 -30.34 24.75
N LYS A 271 0.43 -29.82 23.77
CA LYS A 271 0.44 -28.38 23.61
C LYS A 271 -0.93 -27.92 23.31
N PRO A 272 -1.29 -26.73 23.81
CA PRO A 272 -2.65 -26.23 23.51
C PRO A 272 -2.96 -26.28 22.03
N LEU A 273 -4.16 -26.75 21.70
CA LEU A 273 -4.68 -26.76 20.35
C LEU A 273 -5.69 -25.60 20.16
N SER A 274 -5.50 -24.79 19.12
CA SER A 274 -6.46 -23.72 18.85
C SER A 274 -7.32 -24.16 17.69
N TYR A 275 -8.64 -24.26 17.93
CA TYR A 275 -9.55 -24.77 16.91
C TYR A 275 -10.88 -24.03 17.05
N ASN A 276 -11.33 -23.42 15.97
CA ASN A 276 -12.61 -22.67 15.96
C ASN A 276 -12.74 -21.76 17.15
N GLY A 277 -11.71 -21.02 17.48
CA GLY A 277 -11.82 -20.06 18.60
C GLY A 277 -11.72 -20.66 19.98
N ASN A 278 -11.55 -21.97 20.10
CA ASN A 278 -11.35 -22.58 21.42
C ASN A 278 -9.92 -23.02 21.63
N ILE A 279 -9.45 -22.91 22.87
CA ILE A 279 -8.16 -23.44 23.24
C ILE A 279 -8.39 -24.77 23.94
N ILE A 280 -7.92 -25.86 23.37
CA ILE A 280 -8.25 -27.16 23.92
C ILE A 280 -7.02 -27.81 24.53
N GLU A 281 -7.16 -28.25 25.78
CA GLU A 281 -6.03 -28.82 26.51
C GLU A 281 -6.16 -30.30 26.97
N GLY A 282 -5.01 -30.98 27.02
CA GLY A 282 -4.94 -32.34 27.53
C GLY A 282 -5.94 -33.26 26.85
N ILE A 283 -5.76 -33.51 25.56
CA ILE A 283 -6.70 -34.34 24.83
C ILE A 283 -6.15 -35.74 25.03
N LYS A 284 -7.03 -36.72 25.18
CA LYS A 284 -6.54 -38.11 25.07
C LYS A 284 -7.41 -38.87 24.07
N VAL A 285 -6.77 -39.42 23.04
CA VAL A 285 -7.51 -40.14 21.99
C VAL A 285 -7.22 -41.63 22.07
N THR A 286 -8.26 -42.45 21.98
CA THR A 286 -8.10 -43.90 22.06
C THR A 286 -8.52 -44.57 20.76
N PHE A 287 -7.64 -45.41 20.22
CA PHE A 287 -7.89 -46.00 18.87
C PHE A 287 -8.06 -47.50 18.94
N LYS A 288 -8.98 -48.02 18.15
CA LYS A 288 -9.10 -49.45 18.04
C LYS A 288 -9.49 -49.70 16.59
N ASP A 289 -8.67 -50.47 15.88
CA ASP A 289 -8.93 -50.79 14.47
C ASP A 289 -8.88 -49.60 13.54
N GLY A 290 -8.03 -48.62 13.79
CA GLY A 290 -7.99 -47.45 12.93
C GLY A 290 -8.88 -46.32 13.41
N GLN A 291 -9.83 -46.65 14.27
CA GLN A 291 -10.89 -45.71 14.57
C GLN A 291 -10.74 -45.14 15.96
N ILE A 292 -11.13 -43.87 16.10
CA ILE A 292 -11.31 -43.25 17.40
C ILE A 292 -12.58 -43.85 18.12
N VAL A 293 -12.38 -44.48 19.29
CA VAL A 293 -13.51 -45.08 20.01
C VAL A 293 -13.86 -44.24 21.22
N ASP A 294 -12.96 -43.35 21.62
CA ASP A 294 -13.14 -42.44 22.76
C ASP A 294 -12.17 -41.24 22.63
N ILE A 295 -12.66 -40.04 22.95
CA ILE A 295 -11.80 -38.86 23.03
C ILE A 295 -12.23 -37.98 24.20
N THR A 296 -11.26 -37.50 24.96
CA THR A 296 -11.53 -36.62 26.08
C THR A 296 -10.53 -35.46 26.05
N ALA A 297 -10.84 -34.39 26.77
CA ALA A 297 -9.89 -33.30 26.99
C ALA A 297 -10.16 -32.73 28.38
N GLU A 298 -9.11 -32.31 29.09
CA GLU A 298 -9.29 -31.58 30.34
C GLU A 298 -10.05 -30.28 30.08
N LYS A 299 -9.84 -29.72 28.88
CA LYS A 299 -10.49 -28.48 28.45
C LYS A 299 -11.00 -28.56 27.00
N GLY A 300 -12.29 -28.33 26.79
CA GLY A 300 -12.90 -28.48 25.49
C GLY A 300 -13.32 -29.90 25.15
N ASP A 301 -13.68 -30.67 26.17
CA ASP A 301 -14.13 -32.04 25.96
C ASP A 301 -15.23 -32.17 24.89
N GLN A 302 -16.29 -31.38 25.03
CA GLN A 302 -17.42 -31.48 24.08
C GLN A 302 -17.00 -31.05 22.69
N VAL A 303 -16.22 -29.98 22.61
CA VAL A 303 -15.73 -29.60 21.29
C VAL A 303 -15.03 -30.75 20.59
N MET A 304 -14.19 -31.50 21.32
CA MET A 304 -13.44 -32.60 20.72
C MET A 304 -14.35 -33.77 20.32
N LYS A 305 -15.32 -34.11 21.18
CA LYS A 305 -16.32 -35.13 20.79
C LYS A 305 -17.15 -34.71 19.59
N ASP A 306 -17.65 -33.48 19.64
CA ASP A 306 -18.45 -32.98 18.54
C ASP A 306 -17.63 -33.13 17.28
N LEU A 307 -16.33 -32.77 17.34
CA LEU A 307 -15.47 -32.85 16.13
C LEU A 307 -15.44 -34.25 15.58
N VAL A 308 -15.04 -35.21 16.43
CA VAL A 308 -14.86 -36.56 15.90
C VAL A 308 -16.18 -37.33 15.63
N PHE A 309 -17.17 -37.17 16.51
CA PHE A 309 -18.42 -37.92 16.35
C PHE A 309 -19.52 -37.15 15.66
N GLU A 310 -19.18 -36.10 14.91
CA GLU A 310 -20.19 -35.37 14.15
C GLU A 310 -19.74 -34.98 12.74
N ASN A 311 -18.53 -35.36 12.34
CA ASN A 311 -18.03 -35.00 11.00
C ASN A 311 -17.65 -36.24 10.33
N ALA A 312 -18.08 -36.41 9.08
CA ALA A 312 -17.65 -37.57 8.29
C ALA A 312 -16.10 -37.68 8.20
N GLY A 313 -15.56 -38.84 8.58
CA GLY A 313 -14.15 -39.14 8.38
C GLY A 313 -13.38 -38.70 9.59
N ALA A 314 -14.06 -38.07 10.54
CA ALA A 314 -13.32 -37.55 11.68
C ALA A 314 -13.06 -38.58 12.77
N ARG A 315 -13.21 -39.88 12.49
CA ARG A 315 -12.83 -40.88 13.52
C ARG A 315 -11.54 -41.54 13.16
N ALA A 316 -10.91 -41.05 12.09
CA ALA A 316 -9.63 -41.59 11.67
C ALA A 316 -8.58 -40.45 11.46
N LEU A 317 -7.31 -40.84 11.36
CA LEU A 317 -6.21 -39.90 11.19
C LEU A 317 -5.87 -39.73 9.71
N GLY A 318 -5.42 -38.53 9.37
CA GLY A 318 -4.89 -38.28 8.04
C GLY A 318 -3.45 -37.82 7.95
N GLU A 319 -2.80 -37.54 9.08
CA GLU A 319 -1.42 -37.06 9.06
C GLU A 319 -0.59 -37.52 10.29
N CYS A 320 0.66 -37.91 10.11
CA CYS A 320 1.57 -38.13 11.24
C CYS A 320 2.80 -37.32 10.86
N ALA A 321 3.26 -36.49 11.79
CA ALA A 321 4.36 -35.56 11.54
C ALA A 321 5.44 -35.60 12.58
N LEU A 322 6.71 -35.52 12.17
CA LEU A 322 7.82 -35.47 13.09
C LEU A 322 8.48 -34.06 13.16
N VAL A 323 8.82 -33.62 14.39
CA VAL A 323 9.53 -32.34 14.65
C VAL A 323 10.44 -32.52 15.90
N PRO A 324 11.75 -32.30 15.76
CA PRO A 324 12.52 -32.44 17.03
C PRO A 324 12.00 -31.56 18.20
N ASP A 325 11.95 -32.09 19.41
CA ASP A 325 11.53 -31.25 20.54
C ASP A 325 12.47 -30.04 20.76
N PRO A 326 13.77 -30.18 20.45
CA PRO A 326 14.68 -29.05 20.63
C PRO A 326 14.55 -27.93 19.63
N SER A 327 13.76 -28.13 18.59
CA SER A 327 13.63 -27.11 17.55
C SER A 327 12.92 -25.81 18.05
N PRO A 328 13.18 -24.66 17.40
CA PRO A 328 12.84 -23.34 17.89
C PRO A 328 11.34 -23.09 18.22
N ILE A 329 10.39 -23.54 17.37
CA ILE A 329 8.98 -23.31 17.75
C ILE A 329 8.62 -24.16 18.94
N SER A 330 9.03 -25.42 18.88
CA SER A 330 8.91 -26.36 20.00
C SER A 330 9.42 -25.75 21.30
N GLN A 331 10.62 -25.15 21.26
CA GLN A 331 11.16 -24.55 22.49
C GLN A 331 10.52 -23.21 22.90
N SER A 332 9.61 -22.64 22.08
CA SER A 332 9.08 -21.31 22.41
C SER A 332 8.07 -21.39 23.53
N GLY A 333 7.20 -22.39 23.53
CA GLY A 333 6.10 -22.48 24.54
C GLY A 333 4.92 -21.56 24.16
N ILE A 334 5.02 -20.93 23.00
CA ILE A 334 4.02 -19.94 22.56
C ILE A 334 2.96 -20.52 21.60
N THR A 335 1.68 -20.29 21.86
CA THR A 335 0.62 -20.43 20.86
C THR A 335 0.58 -19.18 19.96
N PHE A 336 0.79 -19.38 18.65
CA PHE A 336 0.88 -18.27 17.67
C PHE A 336 -0.45 -18.00 16.98
N PHE A 337 -1.38 -18.96 17.13
CA PHE A 337 -2.66 -18.98 16.41
C PHE A 337 -2.43 -18.71 14.92
N ASN A 338 -1.47 -19.41 14.31
CA ASN A 338 -1.12 -19.19 12.90
C ASN A 338 -0.57 -20.58 12.61
N THR A 339 -1.16 -21.31 11.66
CA THR A 339 -0.72 -22.64 11.28
C THR A 339 0.76 -22.71 10.82
N LEU A 340 1.23 -21.70 10.12
CA LEU A 340 2.60 -21.75 9.69
C LEU A 340 3.50 -22.09 10.87
N PHE A 341 3.22 -21.52 12.06
CA PHE A 341 4.05 -21.75 13.24
C PHE A 341 3.49 -22.91 14.06
N ASP A 342 2.20 -22.88 14.35
CA ASP A 342 1.65 -23.84 15.31
C ASP A 342 1.74 -25.28 14.78
N ASP A 343 1.57 -25.46 13.48
CA ASP A 343 1.76 -26.82 12.90
C ASP A 343 3.23 -27.25 12.65
N ASN A 344 4.18 -26.40 13.02
CA ASN A 344 5.60 -26.82 13.06
C ASN A 344 6.13 -26.96 14.50
N ALA A 345 5.23 -26.84 15.48
CA ALA A 345 5.55 -26.87 16.92
C ALA A 345 6.07 -28.19 17.55
N SER A 346 5.63 -29.36 17.04
CA SER A 346 5.86 -30.62 17.81
C SER A 346 5.45 -31.75 16.89
N ASN A 347 5.87 -32.98 17.23
CA ASN A 347 5.26 -34.17 16.64
C ASN A 347 3.77 -33.97 16.74
N HIS A 348 3.04 -34.39 15.73
CA HIS A 348 1.60 -34.28 15.81
C HIS A 348 0.92 -35.31 14.93
N LEU A 349 -0.41 -35.30 15.04
CA LEU A 349 -1.24 -36.21 14.30
C LEU A 349 -2.38 -35.33 13.86
N ALA A 350 -2.96 -35.59 12.69
CA ALA A 350 -4.16 -34.84 12.33
C ALA A 350 -5.42 -35.69 12.33
N ILE A 351 -6.45 -35.24 13.04
CA ILE A 351 -7.80 -35.81 12.87
C ILE A 351 -8.38 -35.39 11.50
N GLY A 352 -8.68 -36.38 10.65
CA GLY A 352 -9.40 -36.11 9.40
C GLY A 352 -8.65 -36.37 8.12
N ALA A 353 -8.66 -35.40 7.20
CA ALA A 353 -8.20 -35.68 5.83
C ALA A 353 -6.69 -35.86 5.69
N ALA A 354 -6.31 -36.86 4.92
CA ALA A 354 -4.93 -37.00 4.49
C ALA A 354 -4.69 -36.08 3.29
N TYR A 355 -3.43 -35.65 3.09
CA TYR A 355 -3.06 -34.96 1.85
C TYR A 355 -2.82 -36.03 0.79
N ALA A 356 -3.33 -35.78 -0.41
CA ALA A 356 -3.22 -36.70 -1.54
C ALA A 356 -1.78 -37.03 -1.87
N THR A 357 -0.89 -36.07 -1.63
CA THR A 357 0.47 -36.22 -2.04
C THR A 357 1.18 -37.07 -1.00
N SER A 358 0.46 -37.60 0.00
CA SER A 358 1.13 -38.46 0.99
C SER A 358 1.30 -39.88 0.49
N VAL A 359 0.68 -40.22 -0.65
CA VAL A 359 1.03 -41.48 -1.34
C VAL A 359 1.57 -41.25 -2.75
N VAL A 360 2.33 -42.21 -3.29
CA VAL A 360 2.91 -42.07 -4.62
C VAL A 360 1.78 -41.81 -5.65
N ASP A 361 1.96 -40.85 -6.54
CA ASP A 361 0.93 -40.54 -7.56
C ASP A 361 -0.43 -40.21 -6.97
N GLY A 362 -0.49 -39.89 -5.68
CA GLY A 362 -1.78 -39.58 -5.07
C GLY A 362 -2.48 -38.43 -5.76
N ALA A 363 -1.72 -37.50 -6.34
CA ALA A 363 -2.25 -36.27 -6.94
C ALA A 363 -3.21 -36.62 -8.07
N GLU A 364 -2.86 -37.68 -8.81
CA GLU A 364 -3.77 -38.18 -9.87
C GLU A 364 -4.95 -39.07 -9.40
N MET A 365 -4.80 -39.83 -8.31
CA MET A 365 -5.86 -40.77 -7.90
C MET A 365 -7.19 -40.12 -7.70
N SER A 366 -8.26 -40.94 -7.73
CA SER A 366 -9.63 -40.49 -7.42
C SER A 366 -9.95 -40.54 -5.93
N GLU A 367 -11.10 -39.98 -5.58
CA GLU A 367 -11.55 -40.04 -4.20
C GLU A 367 -11.70 -41.50 -3.70
N GLU A 368 -12.31 -42.35 -4.52
CA GLU A 368 -12.47 -43.76 -4.19
C GLU A 368 -11.09 -44.46 -4.12
N GLU A 369 -10.15 -43.98 -4.92
CA GLU A 369 -8.82 -44.60 -5.06
C GLU A 369 -7.86 -44.28 -3.88
N LEU A 370 -8.01 -43.07 -3.35
CA LEU A 370 -7.24 -42.66 -2.18
C LEU A 370 -7.68 -43.49 -0.99
N GLU A 371 -8.98 -43.68 -0.87
CA GLU A 371 -9.50 -44.55 0.18
C GLU A 371 -8.85 -45.94 0.08
N ALA A 372 -8.83 -46.46 -1.13
CA ALA A 372 -8.25 -47.76 -1.44
C ALA A 372 -6.81 -47.81 -1.02
N ALA A 373 -6.11 -46.70 -1.25
CA ALA A 373 -4.65 -46.64 -0.96
C ALA A 373 -4.43 -46.45 0.50
N GLY A 374 -5.49 -46.13 1.22
CA GLY A 374 -5.36 -46.07 2.67
C GLY A 374 -5.32 -44.66 3.23
N LEU A 375 -5.76 -43.68 2.44
CA LEU A 375 -5.67 -42.31 2.87
C LEU A 375 -7.06 -41.84 3.22
N ASN A 376 -7.18 -41.31 4.42
CA ASN A 376 -8.44 -40.86 4.95
C ASN A 376 -8.99 -39.68 4.17
N ARG A 377 -10.32 -39.65 4.02
CA ARG A 377 -10.99 -38.54 3.36
C ARG A 377 -11.87 -37.92 4.40
N SER A 378 -11.90 -36.61 4.45
CA SER A 378 -12.80 -35.93 5.37
C SER A 378 -12.78 -34.44 5.06
N ASP A 379 -13.74 -33.71 5.62
CA ASP A 379 -13.83 -32.26 5.38
C ASP A 379 -13.13 -31.49 6.48
N VAL A 380 -12.80 -32.17 7.55
CA VAL A 380 -12.06 -31.53 8.57
C VAL A 380 -10.59 -32.04 8.55
N HIS A 381 -9.69 -31.31 9.22
CA HIS A 381 -8.27 -31.68 9.35
C HIS A 381 -7.74 -30.86 10.51
N VAL A 382 -7.59 -31.52 11.65
CA VAL A 382 -7.23 -30.84 12.87
C VAL A 382 -5.93 -31.49 13.41
N ASP A 383 -4.81 -30.77 13.30
CA ASP A 383 -3.49 -31.21 13.79
C ASP A 383 -3.39 -30.99 15.29
N PHE A 384 -3.02 -32.01 16.09
CA PHE A 384 -2.79 -31.74 17.54
C PHE A 384 -1.43 -32.28 17.97
N MET A 385 -0.71 -31.47 18.71
CA MET A 385 0.69 -31.76 19.08
C MET A 385 0.72 -32.88 20.15
N ILE A 386 1.69 -33.78 20.05
CA ILE A 386 1.84 -34.88 21.05
C ILE A 386 3.27 -35.00 21.50
N GLY A 387 4.18 -34.18 21.01
CA GLY A 387 5.59 -34.43 21.30
C GLY A 387 6.07 -33.80 22.61
N SER A 388 7.19 -34.33 23.13
CA SER A 388 7.81 -33.79 24.33
C SER A 388 9.21 -34.32 24.37
N ASN A 389 9.97 -33.90 25.38
CA ASN A 389 11.33 -34.40 25.54
C ASN A 389 11.37 -35.79 26.17
N GLN A 390 10.19 -36.34 26.46
CA GLN A 390 10.07 -37.78 26.81
C GLN A 390 9.41 -38.69 25.75
N MET A 391 9.37 -38.28 24.50
CA MET A 391 8.77 -39.18 23.52
C MET A 391 9.74 -40.06 22.74
N ASP A 392 9.42 -41.35 22.68
CA ASP A 392 10.20 -42.27 21.90
C ASP A 392 9.33 -42.69 20.74
N ILE A 393 9.97 -42.96 19.60
CA ILE A 393 9.29 -43.51 18.46
C ILE A 393 10.23 -44.51 17.78
N ASP A 394 9.65 -45.66 17.40
CA ASP A 394 10.28 -46.64 16.53
C ASP A 394 9.54 -46.77 15.19
N GLY A 395 10.29 -47.00 14.12
CA GLY A 395 9.70 -47.39 12.85
C GLY A 395 9.57 -48.91 12.92
N ILE A 396 8.51 -49.47 12.38
CA ILE A 396 8.40 -50.92 12.46
C ILE A 396 8.45 -51.45 11.05
N ARG A 397 9.48 -52.23 10.76
CA ARG A 397 9.70 -52.83 9.44
C ARG A 397 8.72 -53.95 9.18
N GLU A 398 8.55 -54.27 7.90
CA GLU A 398 7.58 -55.24 7.48
C GLU A 398 7.73 -56.58 8.22
N ASP A 399 8.93 -56.84 8.75
CA ASP A 399 9.12 -58.06 9.48
C ASP A 399 9.28 -57.80 10.94
N GLY A 400 8.64 -56.77 11.50
CA GLY A 400 8.63 -56.58 12.94
C GLY A 400 9.89 -56.05 13.61
N THR A 401 11.00 -56.01 12.91
CA THR A 401 12.20 -55.35 13.44
C THR A 401 12.00 -53.84 13.79
N ARG A 402 12.36 -53.43 14.99
CA ARG A 402 12.18 -52.06 15.42
C ARG A 402 13.41 -51.23 15.04
N VAL A 403 13.22 -50.10 14.32
CA VAL A 403 14.31 -49.11 14.05
C VAL A 403 14.06 -47.78 14.81
N PRO A 404 14.96 -47.44 15.75
CA PRO A 404 14.72 -46.23 16.52
C PRO A 404 14.73 -44.97 15.64
N LEU A 405 13.76 -44.09 15.86
CA LEU A 405 13.62 -42.87 15.05
C LEU A 405 13.77 -41.64 15.94
N PHE A 406 12.97 -41.61 17.02
CA PHE A 406 13.10 -40.59 18.03
C PHE A 406 13.43 -41.26 19.36
N ARG A 407 14.39 -40.69 20.10
CA ARG A 407 14.52 -40.96 21.54
C ARG A 407 14.54 -39.63 22.29
N ASN A 408 13.85 -39.60 23.45
CA ASN A 408 13.68 -38.40 24.23
C ASN A 408 13.35 -37.19 23.36
N GLY A 409 12.54 -37.39 22.33
CA GLY A 409 12.00 -36.27 21.57
C GLY A 409 12.92 -35.76 20.50
N ASN A 410 13.96 -36.50 20.17
CA ASN A 410 14.84 -36.08 19.09
C ASN A 410 15.25 -37.27 18.23
N TRP A 411 15.74 -37.01 17.02
CA TRP A 411 16.22 -38.06 16.12
C TRP A 411 17.27 -38.95 16.80
N PHE B 6 -4.65 14.35 17.96
CA PHE B 6 -4.21 14.12 16.55
C PHE B 6 -5.25 13.31 15.80
N LYS B 7 -5.64 12.19 16.40
CA LYS B 7 -6.64 11.28 15.79
C LYS B 7 -7.99 11.97 15.53
N GLU B 8 -8.43 12.86 16.43
CA GLU B 8 -9.69 13.58 16.20
C GLU B 8 -9.55 14.59 15.07
N ASN B 9 -8.42 15.29 15.00
CA ASN B 9 -8.22 16.19 13.91
C ASN B 9 -8.09 15.46 12.51
N LEU B 10 -7.37 14.35 12.53
CA LEU B 10 -7.20 13.57 11.30
C LEU B 10 -8.55 13.04 10.77
N GLU B 11 -9.44 12.71 11.69
CA GLU B 11 -10.74 12.22 11.27
C GLU B 11 -11.57 13.38 10.68
N LYS B 12 -11.54 14.54 11.34
CA LYS B 12 -12.15 15.71 10.73
C LYS B 12 -11.57 16.09 9.33
N TYR B 13 -10.26 15.96 9.20
CA TYR B 13 -9.60 16.21 7.91
C TYR B 13 -10.07 15.22 6.86
N ALA B 14 -10.08 13.94 7.19
CA ALA B 14 -10.70 12.92 6.25
C ALA B 14 -12.15 13.26 5.81
N LYS B 15 -12.96 13.71 6.77
CA LYS B 15 -14.36 14.05 6.46
C LYS B 15 -14.44 15.17 5.48
N LEU B 16 -13.61 16.18 5.71
CA LEU B 16 -13.60 17.37 4.90
C LEU B 16 -13.16 17.01 3.49
N LEU B 17 -12.15 16.13 3.38
CA LEU B 17 -11.67 15.67 2.04
C LEU B 17 -12.78 14.95 1.21
N VAL B 18 -13.53 14.03 1.82
CA VAL B 18 -14.59 13.33 1.08
C VAL B 18 -15.88 14.16 0.91
N ALA B 19 -16.15 15.11 1.82
CA ALA B 19 -17.34 15.99 1.65
C ALA B 19 -17.04 17.18 0.74
N ASN B 20 -16.21 18.12 1.16
CA ASN B 20 -16.04 19.29 0.27
C ASN B 20 -15.09 19.05 -0.87
N GLY B 21 -14.11 18.13 -0.70
CA GLY B 21 -13.07 18.00 -1.67
C GLY B 21 -13.64 17.29 -2.88
N ILE B 22 -13.93 16.02 -2.69
CA ILE B 22 -14.43 15.18 -3.72
C ILE B 22 -15.98 15.03 -3.75
N ASN B 23 -16.65 15.35 -2.65
CA ASN B 23 -18.13 15.33 -2.61
C ASN B 23 -18.72 13.97 -3.01
N VAL B 24 -18.42 12.94 -2.20
CA VAL B 24 -18.90 11.61 -2.43
C VAL B 24 -20.41 11.63 -2.28
N GLN B 25 -21.08 11.00 -3.24
CA GLN B 25 -22.55 10.82 -3.32
C GLN B 25 -22.84 9.33 -3.35
N PRO B 26 -24.06 8.93 -2.93
CA PRO B 26 -24.41 7.50 -2.92
C PRO B 26 -24.19 6.82 -4.24
N GLY B 27 -23.59 5.64 -4.26
CA GLY B 27 -23.43 4.96 -5.53
C GLY B 27 -22.10 5.24 -6.22
N HIS B 28 -21.35 6.24 -5.75
CA HIS B 28 -20.09 6.65 -6.41
C HIS B 28 -18.94 5.67 -6.25
N THR B 29 -18.00 5.74 -7.20
CA THR B 29 -16.73 5.06 -7.05
C THR B 29 -15.65 6.14 -6.78
N LEU B 30 -14.80 5.89 -5.77
CA LEU B 30 -13.70 6.80 -5.38
C LEU B 30 -12.37 6.06 -5.57
N ALA B 31 -11.41 6.70 -6.24
CA ALA B 31 -10.05 6.17 -6.21
C ALA B 31 -9.22 7.13 -5.36
N LEU B 32 -8.53 6.59 -4.37
CA LEU B 32 -7.77 7.43 -3.50
C LEU B 32 -6.29 7.00 -3.78
N SER B 33 -5.46 7.97 -4.12
CA SER B 33 -4.03 7.76 -4.27
C SER B 33 -3.35 8.38 -3.07
N ILE B 34 -2.56 7.58 -2.36
CA ILE B 34 -2.06 8.02 -1.06
C ILE B 34 -0.82 7.15 -0.66
N ASP B 35 0.09 7.72 0.15
CA ASP B 35 1.33 7.00 0.49
C ASP B 35 1.05 5.91 1.56
N VAL B 36 1.78 4.78 1.48
CA VAL B 36 1.61 3.75 2.53
C VAL B 36 1.90 4.31 3.93
N GLU B 37 2.83 5.25 4.02
CA GLU B 37 3.16 5.95 5.24
C GLU B 37 1.85 6.55 5.89
N GLN B 38 0.84 6.96 5.08
CA GLN B 38 -0.42 7.62 5.61
C GLN B 38 -1.60 6.65 5.73
N ARG B 39 -1.29 5.43 6.11
CA ARG B 39 -2.33 4.41 6.21
C ARG B 39 -3.46 4.79 7.17
N GLU B 40 -3.10 5.55 8.21
CA GLU B 40 -4.09 5.95 9.22
C GLU B 40 -5.10 6.95 8.59
N LEU B 41 -4.62 7.97 7.88
CA LEU B 41 -5.50 8.84 7.13
C LEU B 41 -6.26 8.03 6.02
N ALA B 42 -5.57 7.12 5.33
CA ALA B 42 -6.25 6.24 4.42
C ALA B 42 -7.42 5.50 5.05
N HIS B 43 -7.25 4.88 6.23
CA HIS B 43 -8.40 4.21 6.90
C HIS B 43 -9.61 5.12 7.08
N LEU B 44 -9.32 6.33 7.54
CA LEU B 44 -10.36 7.35 7.81
C LEU B 44 -11.08 7.84 6.57
N ILE B 45 -10.34 8.11 5.50
CA ILE B 45 -11.00 8.52 4.23
C ILE B 45 -11.90 7.42 3.68
N VAL B 46 -11.42 6.18 3.71
CA VAL B 46 -12.20 5.04 3.20
C VAL B 46 -13.50 4.84 4.07
N LYS B 47 -13.37 4.79 5.38
CA LYS B 47 -14.58 4.76 6.26
C LYS B 47 -15.56 5.91 5.94
N GLU B 48 -15.12 7.18 5.89
CA GLU B 48 -16.09 8.30 5.59
C GLU B 48 -16.68 8.21 4.18
N ALA B 49 -15.85 7.83 3.16
CA ALA B 49 -16.46 7.73 1.81
C ALA B 49 -17.62 6.66 1.78
N TYR B 50 -17.40 5.51 2.39
CA TYR B 50 -18.41 4.52 2.47
C TYR B 50 -19.61 4.98 3.35
N ALA B 51 -19.36 5.70 4.42
CA ALA B 51 -20.46 6.22 5.30
C ALA B 51 -21.39 7.21 4.52
N LEU B 52 -20.86 7.83 3.49
CA LEU B 52 -21.62 8.76 2.64
C LEU B 52 -22.25 8.08 1.42
N GLY B 53 -21.99 6.79 1.26
CA GLY B 53 -22.75 5.96 0.32
C GLY B 53 -21.95 5.40 -0.83
N ALA B 54 -20.63 5.65 -0.85
CA ALA B 54 -19.82 5.07 -1.93
C ALA B 54 -20.06 3.56 -2.02
N HIS B 55 -20.11 3.06 -3.24
CA HIS B 55 -20.21 1.65 -3.51
C HIS B 55 -18.78 1.00 -3.67
N GLU B 56 -17.74 1.79 -3.89
CA GLU B 56 -16.41 1.20 -3.93
C GLU B 56 -15.33 2.26 -3.77
N VAL B 57 -14.39 1.97 -2.88
CA VAL B 57 -13.22 2.81 -2.73
C VAL B 57 -11.99 1.95 -3.15
N ILE B 58 -11.31 2.35 -4.18
CA ILE B 58 -10.08 1.64 -4.63
C ILE B 58 -8.93 2.51 -4.14
N VAL B 59 -8.04 1.93 -3.33
CA VAL B 59 -6.91 2.66 -2.80
C VAL B 59 -5.63 2.29 -3.64
N GLN B 60 -5.04 3.27 -4.33
CA GLN B 60 -3.82 3.08 -5.09
C GLN B 60 -2.68 3.58 -4.21
N TRP B 61 -2.03 2.67 -3.54
CA TRP B 61 -1.05 3.04 -2.56
C TRP B 61 0.23 3.46 -3.23
N THR B 62 0.84 4.57 -2.82
CA THR B 62 2.15 4.98 -3.36
C THR B 62 3.31 4.84 -2.32
N ASP B 63 4.56 4.73 -2.82
CA ASP B 63 5.71 4.58 -1.96
C ASP B 63 6.96 4.99 -2.75
N ASP B 64 7.55 6.13 -2.33
CA ASP B 64 8.69 6.69 -2.97
C ASP B 64 9.93 5.82 -2.98
N VAL B 65 10.21 5.19 -1.88
CA VAL B 65 11.36 4.34 -1.83
C VAL B 65 11.24 3.22 -2.87
N ILE B 66 10.07 2.63 -2.95
CA ILE B 66 9.97 1.46 -3.78
C ILE B 66 9.92 1.93 -5.23
N ASN B 67 9.24 3.02 -5.50
CA ASN B 67 9.27 3.53 -6.90
C ASN B 67 10.72 3.93 -7.39
N ARG B 68 11.50 4.48 -6.49
CA ARG B 68 12.89 4.83 -6.84
C ARG B 68 13.74 3.59 -7.14
N GLU B 69 13.59 2.54 -6.35
CA GLU B 69 14.21 1.25 -6.61
C GLU B 69 13.89 0.75 -7.98
N LYS B 70 12.63 0.88 -8.38
CA LYS B 70 12.27 0.41 -9.70
C LYS B 70 13.02 1.23 -10.77
N PHE B 71 13.07 2.54 -10.62
CA PHE B 71 13.74 3.40 -11.58
C PHE B 71 15.24 3.20 -11.58
N LEU B 72 15.80 2.88 -10.42
CA LEU B 72 17.20 2.63 -10.28
C LEU B 72 17.67 1.29 -10.78
N HIS B 73 16.84 0.26 -10.66
CA HIS B 73 17.27 -1.09 -10.98
C HIS B 73 16.59 -1.76 -12.18
N ALA B 74 15.34 -1.41 -12.49
CA ALA B 74 14.66 -2.08 -13.59
C ALA B 74 15.23 -1.70 -14.96
N PRO B 75 15.23 -2.67 -15.91
CA PRO B 75 15.69 -2.41 -17.25
C PRO B 75 14.78 -1.40 -17.93
N MET B 76 15.28 -0.75 -18.97
CA MET B 76 14.48 0.21 -19.72
C MET B 76 13.17 -0.34 -20.30
N GLU B 77 13.25 -1.58 -20.79
CA GLU B 77 12.09 -2.33 -21.27
C GLU B 77 10.94 -2.41 -20.29
N ARG B 78 11.22 -2.39 -19.01
CA ARG B 78 10.14 -2.41 -18.03
C ARG B 78 9.64 -1.01 -17.66
N LEU B 79 10.22 0.03 -18.26
CA LEU B 79 10.00 1.40 -17.79
C LEU B 79 9.49 2.25 -18.89
N ASP B 80 9.72 1.87 -20.14
CA ASP B 80 9.38 2.75 -21.25
C ASP B 80 8.02 2.37 -21.83
N ASN B 81 7.36 1.41 -21.17
CA ASN B 81 6.14 0.77 -21.67
C ASN B 81 5.13 0.74 -20.52
N VAL B 82 3.84 0.89 -20.79
CA VAL B 82 2.83 0.71 -19.72
C VAL B 82 2.11 -0.59 -19.95
N PRO B 83 2.22 -1.52 -19.01
CA PRO B 83 1.55 -2.81 -19.11
C PRO B 83 0.02 -2.64 -19.32
N GLU B 84 -0.56 -3.53 -20.09
CA GLU B 84 -1.98 -3.50 -20.36
C GLU B 84 -2.85 -3.45 -19.06
N TYR B 85 -2.48 -4.17 -17.99
CA TYR B 85 -3.34 -4.19 -16.77
C TYR B 85 -3.54 -2.86 -16.12
N LYS B 86 -2.57 -1.97 -16.32
CA LYS B 86 -2.52 -0.60 -15.82
C LYS B 86 -3.48 0.30 -16.60
N ILE B 87 -3.50 0.10 -17.91
CA ILE B 87 -4.50 0.72 -18.79
C ILE B 87 -5.92 0.18 -18.49
N ALA B 88 -6.03 -1.11 -18.23
CA ALA B 88 -7.37 -1.74 -17.89
C ALA B 88 -7.86 -1.11 -16.59
N GLU B 89 -6.98 -0.92 -15.62
CA GLU B 89 -7.36 -0.31 -14.31
C GLU B 89 -7.89 1.11 -14.50
N MET B 90 -7.16 1.92 -15.29
CA MET B 90 -7.59 3.20 -15.67
C MET B 90 -8.98 3.19 -16.32
N ASN B 91 -9.22 2.28 -17.24
CA ASN B 91 -10.53 2.22 -17.90
C ASN B 91 -11.66 1.82 -16.95
N TYR B 92 -11.37 0.94 -16.01
CA TYR B 92 -12.38 0.58 -15.02
C TYR B 92 -12.80 1.82 -14.24
N LEU B 93 -11.80 2.62 -13.83
CA LEU B 93 -12.10 3.90 -13.15
C LEU B 93 -12.93 4.86 -14.05
N LEU B 94 -12.54 5.05 -15.31
CA LEU B 94 -13.31 5.92 -16.18
C LEU B 94 -14.69 5.35 -16.36
N GLU B 95 -14.79 4.05 -16.61
CA GLU B 95 -16.09 3.45 -16.92
C GLU B 95 -17.02 3.72 -15.72
N ASN B 96 -16.44 3.68 -14.53
CA ASN B 96 -17.19 3.89 -13.30
C ASN B 96 -17.26 5.33 -12.82
N LYS B 97 -16.90 6.27 -13.71
CA LYS B 97 -16.88 7.69 -13.40
C LYS B 97 -16.26 7.96 -12.03
N ALA B 98 -15.16 7.30 -11.71
CA ALA B 98 -14.60 7.40 -10.40
C ALA B 98 -14.04 8.79 -10.12
N SER B 99 -14.30 9.30 -8.91
CA SER B 99 -13.64 10.49 -8.43
C SER B 99 -12.18 10.15 -8.05
N ARG B 100 -11.29 11.13 -8.16
CA ARG B 100 -9.85 10.94 -7.91
C ARG B 100 -9.46 11.86 -6.74
N LEU B 101 -9.24 11.25 -5.59
CA LEU B 101 -8.68 11.98 -4.47
C LEU B 101 -7.19 11.64 -4.35
N GLY B 102 -6.35 12.64 -4.52
CA GLY B 102 -4.88 12.40 -4.50
C GLY B 102 -4.32 13.04 -3.26
N VAL B 103 -3.89 12.25 -2.30
CA VAL B 103 -3.32 12.83 -1.13
C VAL B 103 -1.80 12.69 -1.17
N ARG B 104 -1.10 13.83 -1.26
CA ARG B 104 0.34 13.78 -1.56
C ARG B 104 1.22 14.40 -0.49
N SER B 105 2.37 13.81 -0.28
CA SER B 105 3.45 14.43 0.44
C SER B 105 4.58 14.78 -0.53
N SER B 106 5.09 16.02 -0.47
CA SER B 106 6.07 16.46 -1.47
C SER B 106 7.48 15.95 -1.24
N ASP B 107 8.12 15.47 -2.31
CA ASP B 107 9.56 15.22 -2.30
C ASP B 107 10.12 15.23 -3.70
N PRO B 108 10.42 16.45 -4.22
CA PRO B 108 11.07 16.48 -5.53
C PRO B 108 12.40 15.68 -5.50
N GLY B 109 12.97 15.51 -4.29
CA GLY B 109 14.20 14.74 -4.13
C GLY B 109 14.01 13.23 -3.99
N ALA B 110 12.81 12.74 -4.34
CA ALA B 110 12.52 11.30 -4.17
C ALA B 110 13.12 10.45 -5.29
N LEU B 111 13.35 11.05 -6.46
CA LEU B 111 13.93 10.34 -7.60
C LEU B 111 15.40 10.71 -7.87
N ASN B 112 16.11 11.03 -6.80
CA ASN B 112 17.56 11.29 -6.84
C ASN B 112 18.37 10.09 -7.27
N GLY B 113 19.29 10.30 -8.22
CA GLY B 113 20.23 9.24 -8.67
C GLY B 113 19.74 8.46 -9.87
N VAL B 114 18.58 8.83 -10.38
CA VAL B 114 17.92 8.09 -11.44
C VAL B 114 18.30 8.62 -12.80
N ASP B 115 18.56 7.72 -13.72
CA ASP B 115 18.89 8.15 -15.05
C ASP B 115 17.75 9.01 -15.67
N ALA B 116 18.14 10.18 -16.17
CA ALA B 116 17.24 11.15 -16.81
C ALA B 116 16.55 10.50 -17.96
N ASP B 117 17.23 9.57 -18.60
CA ASP B 117 16.72 8.86 -19.77
C ASP B 117 15.54 7.89 -19.45
N LYS B 118 15.69 7.20 -18.33
CA LYS B 118 14.65 6.31 -17.81
C LYS B 118 13.44 7.21 -17.39
N LEU B 119 13.71 8.33 -16.75
CA LEU B 119 12.65 9.28 -16.35
C LEU B 119 11.73 9.78 -17.52
N SER B 120 12.30 10.25 -18.64
CA SER B 120 11.45 10.78 -19.73
C SER B 120 10.80 9.69 -20.57
N ALA B 121 11.45 8.56 -20.69
CA ALA B 121 10.82 7.46 -21.38
C ALA B 121 9.55 7.02 -20.60
N SER B 122 9.65 6.92 -19.27
CA SER B 122 8.49 6.55 -18.44
C SER B 122 7.39 7.59 -18.48
N ALA B 123 7.76 8.81 -18.14
CA ALA B 123 6.85 9.95 -18.30
C ALA B 123 6.20 9.99 -19.68
N LYS B 124 6.94 9.80 -20.75
CA LYS B 124 6.24 9.86 -22.05
C LYS B 124 5.29 8.70 -22.32
N ALA B 125 5.68 7.50 -21.88
CA ALA B 125 4.81 6.34 -22.01
C ALA B 125 3.54 6.54 -21.16
N MET B 126 3.77 6.98 -19.93
CA MET B 126 2.65 7.17 -19.01
C MET B 126 1.70 8.19 -19.58
N GLY B 127 2.24 9.32 -20.02
CA GLY B 127 1.41 10.38 -20.62
C GLY B 127 0.54 9.93 -21.81
N LEU B 128 1.11 9.12 -22.71
CA LEU B 128 0.25 8.53 -23.78
C LEU B 128 -0.79 7.55 -23.25
N ALA B 129 -0.37 6.65 -22.38
CA ALA B 129 -1.25 5.61 -21.93
C ALA B 129 -2.41 6.15 -21.06
N MET B 130 -2.14 7.13 -20.21
CA MET B 130 -3.15 7.71 -19.26
C MET B 130 -3.95 8.90 -19.81
N LYS B 131 -3.69 9.29 -21.06
CA LYS B 131 -4.39 10.38 -21.70
C LYS B 131 -5.90 10.43 -21.48
N PRO B 132 -6.59 9.31 -21.64
CA PRO B 132 -8.03 9.36 -21.46
C PRO B 132 -8.36 9.93 -20.06
N MET B 133 -7.55 9.56 -19.04
CA MET B 133 -7.84 9.98 -17.65
C MET B 133 -7.48 11.45 -17.45
N ARG B 134 -6.38 11.88 -18.09
CA ARG B 134 -5.95 13.30 -18.05
C ARG B 134 -7.00 14.19 -18.71
N ILE B 135 -7.54 13.79 -19.86
CA ILE B 135 -8.60 14.59 -20.46
C ILE B 135 -9.91 14.55 -19.64
N ALA B 136 -10.23 13.40 -19.02
CA ALA B 136 -11.43 13.34 -18.22
C ALA B 136 -11.28 14.27 -17.01
N THR B 137 -10.10 14.31 -16.36
CA THR B 137 -10.03 15.11 -15.15
C THR B 137 -9.93 16.61 -15.49
N GLN B 138 -9.14 16.94 -16.49
CA GLN B 138 -9.00 18.34 -16.91
C GLN B 138 -10.29 19.00 -17.35
N SER B 139 -11.21 18.24 -17.90
CA SER B 139 -12.43 18.85 -18.31
C SER B 139 -13.48 18.71 -17.22
N ASN B 140 -13.06 18.28 -16.02
CA ASN B 140 -13.99 18.09 -14.89
C ASN B 140 -15.16 17.15 -15.14
N LYS B 141 -14.94 16.16 -16.00
CA LYS B 141 -15.94 15.12 -16.17
C LYS B 141 -16.19 14.44 -14.85
N VAL B 142 -15.12 14.08 -14.14
CA VAL B 142 -15.31 13.53 -12.78
C VAL B 142 -14.73 14.50 -11.71
N SER B 143 -15.21 14.40 -10.47
CA SER B 143 -14.60 15.12 -9.39
C SER B 143 -13.15 14.71 -9.13
N TRP B 144 -12.28 15.64 -8.75
CA TRP B 144 -10.94 15.32 -8.34
C TRP B 144 -10.45 16.40 -7.36
N THR B 145 -9.59 15.98 -6.42
CA THR B 145 -9.04 16.88 -5.43
C THR B 145 -7.58 16.49 -5.16
N VAL B 146 -6.75 17.50 -5.04
CA VAL B 146 -5.38 17.32 -4.61
C VAL B 146 -5.25 17.99 -3.26
N ALA B 147 -4.72 17.23 -2.30
CA ALA B 147 -4.53 17.65 -0.94
C ALA B 147 -3.19 17.10 -0.45
N ALA B 148 -2.83 17.41 0.81
CA ALA B 148 -1.52 17.06 1.37
C ALA B 148 -1.64 16.29 2.65
N ALA B 149 -0.58 15.56 2.97
CA ALA B 149 -0.45 14.75 4.17
C ALA B 149 1.03 14.96 4.57
N ALA B 150 1.29 14.95 5.87
CA ALA B 150 2.60 15.33 6.35
C ALA B 150 3.59 14.11 6.36
N GLY B 151 4.22 13.85 5.23
CA GLY B 151 5.19 12.79 5.14
C GLY B 151 6.51 13.24 5.81
N LEU B 152 7.26 12.28 6.35
CA LEU B 152 8.51 12.60 7.08
C LEU B 152 9.49 13.36 6.22
N GLU B 153 9.67 12.90 5.00
CA GLU B 153 10.70 13.51 4.20
C GLU B 153 10.33 14.94 3.87
N TRP B 154 9.08 15.17 3.54
CA TRP B 154 8.67 16.54 3.26
C TRP B 154 8.78 17.41 4.56
N ALA B 155 8.39 16.85 5.70
CA ALA B 155 8.37 17.58 6.97
C ALA B 155 9.78 18.03 7.32
N LYS B 156 10.79 17.18 7.07
CA LYS B 156 12.19 17.54 7.31
C LYS B 156 12.72 18.71 6.43
N LYS B 157 12.22 18.74 5.20
CA LYS B 157 12.48 19.86 4.32
C LYS B 157 11.78 21.14 4.75
N VAL B 158 10.53 21.04 5.18
CA VAL B 158 9.80 22.25 5.62
C VAL B 158 10.34 22.76 6.96
N PHE B 159 10.73 21.86 7.89
CA PHE B 159 11.18 22.32 9.23
C PHE B 159 12.57 21.77 9.51
N PRO B 160 13.61 22.32 8.85
CA PRO B 160 14.96 21.70 9.01
C PRO B 160 15.51 21.87 10.42
N ASN B 161 14.97 22.77 11.23
CA ASN B 161 15.46 22.99 12.59
C ASN B 161 14.76 22.16 13.66
N ALA B 162 13.80 21.31 13.28
CA ALA B 162 13.00 20.61 14.29
C ALA B 162 14.01 19.70 15.04
N ALA B 163 13.70 19.32 16.28
CA ALA B 163 14.59 18.55 17.13
C ALA B 163 14.53 17.03 16.83
N SER B 164 13.45 16.54 16.20
CA SER B 164 13.36 15.11 15.89
C SER B 164 12.45 14.91 14.69
N ASP B 165 12.54 13.74 14.02
CA ASP B 165 11.62 13.39 12.93
C ASP B 165 10.15 13.56 13.42
N GLU B 166 9.86 13.12 14.63
CA GLU B 166 8.50 13.19 15.07
C GLU B 166 8.02 14.58 15.25
N GLU B 167 8.88 15.50 15.78
CA GLU B 167 8.51 16.91 15.88
C GLU B 167 8.35 17.60 14.50
N ALA B 168 9.21 17.29 13.56
CA ALA B 168 9.03 17.80 12.18
C ALA B 168 7.67 17.46 11.59
N VAL B 169 7.32 16.18 11.68
CA VAL B 169 5.99 15.79 11.18
C VAL B 169 4.86 16.47 11.96
N ASP B 170 4.93 16.52 13.30
CA ASP B 170 3.89 17.26 14.10
C ASP B 170 3.66 18.69 13.65
N PHE B 171 4.78 19.38 13.39
CA PHE B 171 4.79 20.77 12.91
C PHE B 171 4.11 20.91 11.57
N LEU B 172 4.43 19.96 10.67
CA LEU B 172 3.85 19.98 9.33
C LEU B 172 2.37 19.60 9.42
N TRP B 173 2.00 18.63 10.23
CA TRP B 173 0.56 18.35 10.35
C TRP B 173 -0.20 19.54 10.89
N ASP B 174 0.41 20.23 11.86
CA ASP B 174 -0.16 21.46 12.43
C ASP B 174 -0.39 22.53 11.37
N GLN B 175 0.53 22.67 10.43
CA GLN B 175 0.32 23.61 9.34
C GLN B 175 -0.83 23.17 8.45
N ILE B 176 -0.86 21.87 8.07
CA ILE B 176 -1.92 21.38 7.19
C ILE B 176 -3.30 21.59 7.86
N PHE B 177 -3.39 21.25 9.15
CA PHE B 177 -4.67 21.34 9.83
C PHE B 177 -5.08 22.81 9.93
N LYS B 178 -4.12 23.68 10.20
CA LYS B 178 -4.42 25.12 10.34
C LYS B 178 -4.97 25.66 9.04
N THR B 179 -4.18 25.53 7.99
CA THR B 179 -4.56 26.11 6.74
C THR B 179 -5.81 25.44 6.17
N CYS B 180 -6.12 24.20 6.55
CA CYS B 180 -7.29 23.53 6.00
C CYS B 180 -8.53 23.70 6.88
N ARG B 181 -8.39 24.57 7.88
CA ARG B 181 -9.47 24.96 8.78
C ARG B 181 -9.96 23.81 9.64
N VAL B 182 -9.09 22.87 9.88
CA VAL B 182 -9.47 21.65 10.56
C VAL B 182 -9.72 21.83 12.06
N TYR B 183 -8.98 22.74 12.66
CA TYR B 183 -9.21 23.18 14.05
C TYR B 183 -10.60 23.78 14.34
N GLU B 184 -11.28 24.37 13.35
CA GLU B 184 -12.69 24.80 13.51
C GLU B 184 -13.68 23.70 13.86
N ALA B 185 -14.78 24.10 14.51
CA ALA B 185 -15.83 23.16 14.89
C ALA B 185 -16.44 22.39 13.74
N ASP B 186 -16.68 23.08 12.64
CA ASP B 186 -17.33 22.44 11.48
C ASP B 186 -16.51 22.79 10.24
N PRO B 187 -15.36 22.09 10.03
CA PRO B 187 -14.53 22.41 8.82
C PRO B 187 -15.35 22.35 7.55
N VAL B 188 -16.28 21.42 7.48
CA VAL B 188 -17.17 21.28 6.32
C VAL B 188 -17.93 22.58 6.09
N LYS B 189 -18.67 23.04 7.08
CA LYS B 189 -19.27 24.38 6.99
C LYS B 189 -18.23 25.50 6.69
N ALA B 190 -17.08 25.51 7.38
CA ALA B 190 -16.09 26.55 7.11
C ALA B 190 -15.67 26.64 5.61
N TRP B 191 -15.51 25.50 4.94
CA TRP B 191 -15.14 25.54 3.49
C TRP B 191 -16.27 25.96 2.55
N GLU B 192 -17.49 25.52 2.83
CA GLU B 192 -18.66 26.10 2.09
C GLU B 192 -18.63 27.61 2.10
N GLU B 193 -18.54 28.21 3.29
CA GLU B 193 -18.47 29.69 3.34
C GLU B 193 -17.27 30.27 2.62
N HIS B 194 -16.10 29.67 2.85
CA HIS B 194 -14.92 30.25 2.25
C HIS B 194 -14.96 30.13 0.72
N ALA B 195 -15.45 28.99 0.21
CA ALA B 195 -15.50 28.82 -1.25
C ALA B 195 -16.47 29.82 -1.92
N ALA B 196 -17.62 30.03 -1.26
CA ALA B 196 -18.60 31.08 -1.70
C ALA B 196 -18.00 32.49 -1.64
N ILE B 197 -17.22 32.79 -0.62
CA ILE B 197 -16.57 34.07 -0.56
C ILE B 197 -15.61 34.21 -1.73
N LEU B 198 -14.80 33.17 -1.95
CA LEU B 198 -13.81 33.24 -3.02
C LEU B 198 -14.50 33.36 -4.37
N LYS B 199 -15.61 32.66 -4.51
CA LYS B 199 -16.36 32.61 -5.75
C LYS B 199 -17.04 33.96 -5.98
N SER B 200 -17.58 34.55 -4.93
CA SER B 200 -18.14 35.89 -5.10
C SER B 200 -17.07 36.93 -5.44
N LYS B 201 -15.83 36.76 -4.98
CA LYS B 201 -14.80 37.70 -5.38
C LYS B 201 -14.54 37.58 -6.86
N ALA B 202 -14.41 36.33 -7.34
CA ALA B 202 -14.13 36.13 -8.75
C ALA B 202 -15.33 36.68 -9.53
N ASP B 203 -16.53 36.41 -9.06
CA ASP B 203 -17.72 36.89 -9.75
C ASP B 203 -17.70 38.39 -9.83
N MET B 204 -17.38 39.02 -8.72
CA MET B 204 -17.33 40.47 -8.73
C MET B 204 -16.31 41.05 -9.71
N LEU B 205 -15.14 40.44 -9.80
CA LEU B 205 -14.07 40.98 -10.68
C LEU B 205 -14.33 40.77 -12.18
N ASN B 206 -15.10 39.72 -12.46
CA ASN B 206 -15.48 39.36 -13.81
C ASN B 206 -16.57 40.32 -14.36
N LYS B 207 -17.46 40.78 -13.48
CA LYS B 207 -18.44 41.83 -13.78
C LYS B 207 -17.86 43.19 -14.16
N GLU B 208 -16.67 43.52 -13.66
CA GLU B 208 -16.10 44.84 -13.83
C GLU B 208 -15.28 44.92 -15.09
N GLN B 209 -14.74 43.78 -15.51
CA GLN B 209 -13.87 43.78 -16.65
C GLN B 209 -13.08 45.11 -16.63
N PHE B 210 -12.18 45.23 -15.65
CA PHE B 210 -11.26 46.34 -15.61
C PHE B 210 -10.41 46.26 -16.85
N SER B 211 -9.85 47.41 -17.24
CA SER B 211 -8.88 47.50 -18.31
C SER B 211 -7.46 47.17 -17.84
N ALA B 212 -7.17 47.49 -16.57
CA ALA B 212 -5.84 47.22 -16.00
C ALA B 212 -5.75 47.15 -14.45
N LEU B 213 -4.57 46.83 -13.94
CA LEU B 213 -4.35 46.97 -12.48
C LEU B 213 -3.08 47.77 -12.23
N HIS B 214 -3.12 48.64 -11.23
CA HIS B 214 -1.95 49.45 -10.78
C HIS B 214 -1.56 48.96 -9.38
N TYR B 215 -0.32 48.47 -9.28
CA TYR B 215 0.20 47.94 -8.00
C TYR B 215 1.12 48.97 -7.39
N THR B 216 0.88 49.32 -6.13
CA THR B 216 1.88 50.01 -5.35
C THR B 216 2.14 49.35 -3.97
N ALA B 217 3.44 49.29 -3.66
CA ALA B 217 4.02 48.78 -2.41
C ALA B 217 5.49 49.20 -2.43
N PRO B 218 6.20 49.04 -1.29
CA PRO B 218 7.64 49.22 -1.20
C PRO B 218 8.42 48.49 -2.30
N GLY B 219 9.15 49.24 -3.11
CA GLY B 219 9.88 48.60 -4.18
C GLY B 219 8.98 48.19 -5.36
N THR B 220 7.72 48.64 -5.35
CA THR B 220 6.80 48.19 -6.40
C THR B 220 5.94 49.26 -7.10
N ASP B 221 6.23 49.53 -8.39
CA ASP B 221 5.31 50.37 -9.21
C ASP B 221 5.05 49.80 -10.59
N LEU B 222 3.82 49.37 -10.79
CA LEU B 222 3.50 48.57 -11.94
C LEU B 222 2.07 48.78 -12.35
N THR B 223 1.90 48.86 -13.68
CA THR B 223 0.57 48.86 -14.26
C THR B 223 0.58 47.65 -15.14
N LEU B 224 -0.46 46.83 -15.00
CA LEU B 224 -0.58 45.63 -15.80
C LEU B 224 -1.84 45.78 -16.63
N GLY B 225 -1.71 45.58 -17.94
CA GLY B 225 -2.89 45.58 -18.78
C GLY B 225 -3.56 44.22 -18.70
N LEU B 226 -4.88 44.23 -18.55
CA LEU B 226 -5.70 43.02 -18.56
C LEU B 226 -6.27 42.73 -19.95
N PRO B 227 -6.52 41.45 -20.28
CA PRO B 227 -6.95 41.19 -21.65
C PRO B 227 -8.44 41.45 -21.81
N LYS B 228 -8.90 41.50 -23.05
CA LYS B 228 -10.34 41.76 -23.30
C LYS B 228 -11.10 40.50 -23.01
N ASN B 229 -12.19 40.64 -22.24
CA ASN B 229 -13.10 39.51 -21.96
C ASN B 229 -12.43 38.40 -21.16
N HIS B 230 -11.71 38.81 -20.12
CA HIS B 230 -10.85 37.94 -19.32
C HIS B 230 -11.69 37.28 -18.25
N VAL B 231 -11.18 36.19 -17.66
CA VAL B 231 -11.94 35.47 -16.63
C VAL B 231 -11.09 35.23 -15.37
N TRP B 232 -11.61 35.66 -14.22
CA TRP B 232 -10.96 35.43 -12.92
C TRP B 232 -11.47 34.10 -12.42
N GLU B 233 -10.56 33.24 -11.96
CA GLU B 233 -10.96 31.93 -11.42
C GLU B 233 -10.58 31.74 -9.96
N SER B 234 -11.41 31.02 -9.23
CA SER B 234 -11.13 30.62 -7.85
C SER B 234 -11.89 29.40 -7.37
N ALA B 235 -11.32 28.69 -6.39
CA ALA B 235 -12.03 27.65 -5.67
C ALA B 235 -12.73 26.59 -6.55
N GLY B 236 -14.00 26.32 -6.23
CA GLY B 236 -14.71 25.12 -6.68
C GLY B 236 -14.94 24.98 -8.17
N ALA B 237 -15.24 23.78 -8.62
CA ALA B 237 -15.66 23.54 -9.99
C ALA B 237 -16.91 22.66 -9.88
N VAL B 238 -17.45 22.30 -11.03
CA VAL B 238 -18.61 21.45 -11.07
C VAL B 238 -18.34 20.34 -12.06
N ASN B 239 -18.67 19.09 -11.72
CA ASN B 239 -18.34 17.99 -12.62
C ASN B 239 -19.46 17.80 -13.61
N ALA B 240 -19.36 16.82 -14.50
CA ALA B 240 -20.34 16.63 -15.64
C ALA B 240 -21.68 16.12 -15.19
N GLN B 241 -21.75 15.62 -13.96
CA GLN B 241 -23.04 15.19 -13.37
C GLN B 241 -23.65 16.34 -12.59
N GLY B 242 -23.14 17.55 -12.81
CA GLY B 242 -23.52 18.71 -11.99
C GLY B 242 -23.15 18.70 -10.51
N GLU B 243 -22.24 17.82 -10.06
CA GLU B 243 -21.89 17.84 -8.62
C GLU B 243 -20.74 18.88 -8.35
N GLU B 244 -20.87 19.73 -7.35
CA GLU B 244 -19.79 20.66 -6.94
C GLU B 244 -18.54 20.00 -6.27
N PHE B 245 -17.32 20.47 -6.57
CA PHE B 245 -16.16 19.90 -5.90
C PHE B 245 -15.00 20.87 -5.77
N LEU B 246 -14.08 20.60 -4.82
CA LEU B 246 -12.83 21.43 -4.67
C LEU B 246 -11.58 20.70 -5.20
N PRO B 247 -11.07 21.16 -6.34
CA PRO B 247 -9.88 20.59 -6.95
C PRO B 247 -8.64 20.70 -6.05
N ASN B 248 -8.57 21.76 -5.23
CA ASN B 248 -7.43 21.91 -4.34
C ASN B 248 -7.84 22.15 -2.87
N MET B 249 -7.22 21.41 -1.95
CA MET B 249 -7.43 21.63 -0.50
C MET B 249 -6.02 21.70 0.16
N PRO B 250 -5.59 22.91 0.64
CA PRO B 250 -6.35 24.20 0.64
C PRO B 250 -6.29 24.93 -0.69
N THR B 251 -7.02 26.04 -0.77
CA THR B 251 -6.91 27.03 -1.84
C THR B 251 -7.30 28.45 -1.28
N GLU B 252 -6.75 29.52 -1.85
CA GLU B 252 -7.17 30.92 -1.49
C GLU B 252 -7.17 31.83 -2.73
N GLU B 253 -6.32 31.61 -3.71
CA GLU B 253 -6.06 32.59 -4.74
C GLU B 253 -7.23 32.82 -5.69
N VAL B 254 -7.32 34.08 -6.10
CA VAL B 254 -8.26 34.47 -7.18
C VAL B 254 -7.43 34.95 -8.34
N PHE B 255 -7.51 34.27 -9.48
CA PHE B 255 -6.51 34.61 -10.52
C PHE B 255 -7.03 34.77 -11.97
N THR B 256 -6.32 35.58 -12.75
CA THR B 256 -6.55 35.59 -14.17
C THR B 256 -5.19 35.77 -14.86
N ALA B 257 -5.22 35.98 -16.18
CA ALA B 257 -4.00 36.31 -16.92
C ALA B 257 -3.96 37.77 -17.32
N PRO B 258 -2.74 38.37 -17.33
CA PRO B 258 -2.59 39.76 -17.88
C PRO B 258 -2.44 39.70 -19.40
N ASP B 259 -2.77 40.79 -20.08
CA ASP B 259 -2.43 40.89 -21.50
C ASP B 259 -0.90 40.94 -21.62
N PHE B 260 -0.28 39.94 -22.23
CA PHE B 260 1.16 39.87 -22.17
C PHE B 260 1.85 41.08 -22.78
N ARG B 261 1.09 41.94 -23.47
CA ARG B 261 1.79 43.03 -24.16
C ARG B 261 1.59 44.41 -23.52
N ARG B 262 0.77 44.50 -22.46
CA ARG B 262 0.62 45.74 -21.68
C ARG B 262 1.25 45.69 -20.26
N ALA B 263 2.55 46.02 -20.14
CA ALA B 263 3.13 46.29 -18.81
C ALA B 263 4.31 47.29 -18.80
N ASP B 264 4.28 48.22 -17.83
CA ASP B 264 5.43 49.09 -17.49
C ASP B 264 5.60 49.28 -15.99
N GLY B 265 6.86 49.27 -15.55
CA GLY B 265 7.13 49.55 -14.12
C GLY B 265 8.07 48.53 -13.52
N TYR B 266 8.08 48.48 -12.19
CA TYR B 266 8.97 47.55 -11.50
C TYR B 266 8.18 46.85 -10.40
N VAL B 267 8.58 45.63 -10.10
CA VAL B 267 7.95 44.95 -8.97
C VAL B 267 9.00 44.15 -8.26
N THR B 268 8.93 44.12 -6.93
CA THR B 268 9.78 43.26 -6.09
C THR B 268 8.99 42.21 -5.29
N SER B 269 9.55 41.02 -5.32
CA SER B 269 9.02 39.83 -4.64
C SER B 269 9.14 40.04 -3.15
N THR B 270 8.32 39.34 -2.36
CA THR B 270 8.26 39.59 -0.94
C THR B 270 8.37 38.29 -0.15
N LYS B 271 8.47 37.14 -0.85
CA LYS B 271 8.62 35.86 -0.17
C LYS B 271 9.58 35.01 -0.92
N PRO B 272 10.37 34.23 -0.21
CA PRO B 272 11.30 33.34 -0.93
C PRO B 272 10.62 32.54 -2.00
N LEU B 273 11.36 32.29 -3.08
CA LEU B 273 10.84 31.58 -4.22
C LEU B 273 11.66 30.36 -4.37
N SER B 274 11.02 29.22 -4.43
CA SER B 274 11.75 28.02 -4.68
C SER B 274 11.59 27.65 -6.16
N TYR B 275 12.69 27.68 -6.91
CA TYR B 275 12.63 27.40 -8.34
C TYR B 275 13.79 26.49 -8.77
N ASN B 276 13.48 25.32 -9.32
CA ASN B 276 14.54 24.41 -9.68
C ASN B 276 15.56 24.15 -8.57
N GLY B 277 15.08 23.86 -7.35
CA GLY B 277 15.98 23.57 -6.23
C GLY B 277 16.70 24.78 -5.67
N ASN B 278 16.48 25.94 -6.25
CA ASN B 278 17.10 27.14 -5.72
C ASN B 278 16.10 27.95 -4.89
N ILE B 279 16.62 28.59 -3.85
CA ILE B 279 15.85 29.53 -3.12
C ILE B 279 16.26 30.87 -3.66
N ILE B 280 15.27 31.65 -4.09
CA ILE B 280 15.52 32.93 -4.77
C ILE B 280 14.88 34.04 -3.95
N GLU B 281 15.65 35.06 -3.57
CA GLU B 281 15.14 36.11 -2.71
C GLU B 281 15.40 37.50 -3.26
N GLY B 282 14.60 38.46 -2.79
CA GLY B 282 14.71 39.87 -3.19
C GLY B 282 14.76 40.09 -4.70
N ILE B 283 13.69 39.70 -5.41
CA ILE B 283 13.68 39.81 -6.87
C ILE B 283 13.16 41.18 -7.24
N LYS B 284 13.83 41.85 -8.17
CA LYS B 284 13.24 43.07 -8.75
C LYS B 284 13.15 42.92 -10.27
N VAL B 285 11.93 42.99 -10.78
CA VAL B 285 11.71 42.82 -12.21
C VAL B 285 11.26 44.16 -12.78
N THR B 286 11.84 44.52 -13.94
CA THR B 286 11.53 45.79 -14.65
C THR B 286 10.81 45.60 -15.99
N PHE B 287 9.62 46.16 -16.10
CA PHE B 287 8.85 45.98 -17.31
C PHE B 287 8.86 47.27 -18.14
N LYS B 288 8.74 47.14 -19.47
CA LYS B 288 8.42 48.31 -20.28
C LYS B 288 7.69 47.95 -21.58
N ASP B 289 6.57 48.65 -21.80
CA ASP B 289 5.64 48.33 -22.89
C ASP B 289 5.54 46.81 -23.07
N GLY B 290 5.15 46.14 -21.97
CA GLY B 290 4.90 44.70 -21.97
C GLY B 290 6.07 43.77 -21.68
N GLN B 291 7.28 44.19 -22.05
CA GLN B 291 8.47 43.34 -21.95
C GLN B 291 9.27 43.44 -20.63
N ILE B 292 9.85 42.32 -20.21
CA ILE B 292 10.81 42.32 -19.11
C ILE B 292 12.13 42.87 -19.64
N VAL B 293 12.56 43.99 -19.06
CA VAL B 293 13.81 44.63 -19.46
C VAL B 293 14.96 44.39 -18.46
N ASP B 294 14.61 44.20 -17.19
CA ASP B 294 15.61 43.98 -16.16
C ASP B 294 15.06 43.15 -15.00
N ILE B 295 15.71 42.02 -14.74
CA ILE B 295 15.44 41.25 -13.53
C ILE B 295 16.70 41.13 -12.71
N THR B 296 16.61 41.54 -11.44
CA THR B 296 17.73 41.28 -10.52
C THR B 296 17.17 40.58 -9.30
N ALA B 297 18.06 39.89 -8.56
CA ALA B 297 17.68 39.23 -7.31
C ALA B 297 18.81 39.20 -6.29
N GLU B 298 18.47 39.49 -5.02
CA GLU B 298 19.45 39.48 -3.93
C GLU B 298 20.14 38.10 -3.82
N LYS B 299 19.37 37.01 -3.95
CA LYS B 299 19.95 35.63 -4.11
C LYS B 299 19.35 34.88 -5.32
N GLY B 300 20.21 34.23 -6.11
CA GLY B 300 19.81 33.54 -7.33
C GLY B 300 19.64 34.45 -8.55
N ASP B 301 20.30 35.63 -8.52
CA ASP B 301 20.25 36.64 -9.60
C ASP B 301 20.61 35.99 -10.96
N GLN B 302 21.61 35.13 -10.96
CA GLN B 302 21.94 34.46 -12.21
C GLN B 302 20.82 33.52 -12.71
N VAL B 303 20.20 32.75 -11.80
CA VAL B 303 19.07 31.85 -12.13
C VAL B 303 17.89 32.60 -12.78
N MET B 304 17.59 33.78 -12.24
CA MET B 304 16.47 34.57 -12.69
C MET B 304 16.76 35.21 -14.07
N LYS B 305 18.02 35.57 -14.31
CA LYS B 305 18.46 36.04 -15.60
C LYS B 305 18.30 34.98 -16.69
N ASP B 306 18.82 33.77 -16.47
CA ASP B 306 18.70 32.69 -17.45
C ASP B 306 17.23 32.26 -17.67
N LEU B 307 16.45 32.36 -16.59
CA LEU B 307 15.07 31.98 -16.66
C LEU B 307 14.42 32.75 -17.80
N VAL B 308 14.38 34.07 -17.65
CA VAL B 308 13.64 34.94 -18.55
C VAL B 308 14.27 35.13 -19.95
N PHE B 309 15.59 35.27 -20.00
CA PHE B 309 16.30 35.58 -21.24
C PHE B 309 16.74 34.35 -22.01
N GLU B 310 16.65 33.18 -21.38
CA GLU B 310 17.06 31.92 -22.01
C GLU B 310 15.87 30.99 -22.29
N ASN B 311 14.65 31.50 -22.12
CA ASN B 311 13.46 30.70 -22.46
C ASN B 311 12.45 31.45 -23.32
N ALA B 312 11.89 30.79 -24.31
CA ALA B 312 10.89 31.42 -25.20
C ALA B 312 9.63 31.81 -24.44
N GLY B 313 9.32 33.09 -24.43
CA GLY B 313 8.12 33.60 -23.75
C GLY B 313 8.42 34.21 -22.40
N ALA B 314 9.62 33.93 -21.89
CA ALA B 314 9.92 34.23 -20.49
C ALA B 314 10.09 35.70 -20.15
N ARG B 315 9.96 36.58 -21.15
CA ARG B 315 10.05 38.03 -20.91
C ARG B 315 8.68 38.70 -20.71
N ALA B 316 7.63 37.91 -20.50
CA ALA B 316 6.34 38.52 -20.18
C ALA B 316 5.53 37.70 -19.14
N LEU B 317 4.46 38.29 -18.61
CA LEU B 317 3.61 37.65 -17.61
C LEU B 317 2.40 36.87 -18.17
N GLY B 318 2.13 35.74 -17.53
CA GLY B 318 0.97 34.87 -17.78
C GLY B 318 -0.11 34.88 -16.69
N GLU B 319 0.20 35.38 -15.48
CA GLU B 319 -0.79 35.29 -14.40
C GLU B 319 -0.66 36.42 -13.42
N CYS B 320 -1.80 36.96 -12.99
CA CYS B 320 -1.81 37.81 -11.84
C CYS B 320 -2.91 37.25 -10.93
N ALA B 321 -2.53 37.04 -9.65
CA ALA B 321 -3.39 36.43 -8.64
C ALA B 321 -3.48 37.31 -7.42
N LEU B 322 -4.59 37.22 -6.72
CA LEU B 322 -4.81 37.92 -5.48
C LEU B 322 -5.10 36.98 -4.33
N VAL B 323 -4.39 37.18 -3.24
CA VAL B 323 -4.57 36.41 -2.00
C VAL B 323 -4.51 37.47 -0.88
N PRO B 324 -5.45 37.45 0.08
CA PRO B 324 -5.39 38.37 1.20
C PRO B 324 -4.17 38.10 2.13
N ASP B 325 -3.37 39.14 2.34
CA ASP B 325 -2.24 39.02 3.28
C ASP B 325 -2.56 38.30 4.64
N PRO B 326 -3.76 38.53 5.25
CA PRO B 326 -4.19 37.88 6.48
C PRO B 326 -4.63 36.43 6.36
N SER B 327 -4.56 35.81 5.18
CA SER B 327 -5.08 34.45 5.11
C SER B 327 -4.05 33.42 5.64
N PRO B 328 -4.50 32.19 5.94
CA PRO B 328 -3.62 31.29 6.71
C PRO B 328 -2.20 31.04 6.13
N ILE B 329 -2.05 30.61 4.89
CA ILE B 329 -0.70 30.41 4.39
C ILE B 329 0.18 31.69 4.37
N SER B 330 -0.41 32.76 3.87
CA SER B 330 0.18 34.08 3.97
C SER B 330 0.77 34.37 5.36
N GLN B 331 -0.04 34.27 6.39
CA GLN B 331 0.44 34.52 7.76
C GLN B 331 1.43 33.48 8.31
N SER B 332 1.36 32.23 7.84
CA SER B 332 2.22 31.20 8.41
C SER B 332 3.72 31.62 8.36
N GLY B 333 4.14 32.32 7.30
CA GLY B 333 5.56 32.69 7.07
C GLY B 333 6.49 31.58 6.58
N ILE B 334 5.92 30.43 6.22
CA ILE B 334 6.70 29.24 5.98
C ILE B 334 6.80 28.94 4.48
N THR B 335 8.01 28.60 4.02
CA THR B 335 8.22 28.00 2.71
C THR B 335 7.87 26.48 2.67
N PHE B 336 6.79 26.11 1.94
CA PHE B 336 6.33 24.72 1.98
C PHE B 336 6.99 23.81 0.98
N PHE B 337 7.62 24.44 -0.03
CA PHE B 337 8.26 23.70 -1.14
C PHE B 337 7.20 22.83 -1.87
N ASN B 338 5.98 23.33 -1.99
CA ASN B 338 4.84 22.55 -2.51
C ASN B 338 3.91 23.60 -3.12
N THR B 339 3.66 23.51 -4.43
CA THR B 339 2.88 24.54 -5.15
C THR B 339 1.46 24.78 -4.59
N LEU B 340 0.82 23.72 -4.15
CA LEU B 340 -0.51 23.76 -3.55
C LEU B 340 -0.51 24.79 -2.43
N PHE B 341 0.57 24.81 -1.66
CA PHE B 341 0.70 25.76 -0.59
C PHE B 341 1.33 27.09 -1.04
N ASP B 342 2.57 27.03 -1.55
CA ASP B 342 3.31 28.28 -1.81
C ASP B 342 2.58 29.19 -2.83
N ASP B 343 1.91 28.59 -3.80
CA ASP B 343 1.16 29.41 -4.80
C ASP B 343 -0.15 30.00 -4.28
N ASN B 344 -0.48 29.71 -3.03
CA ASN B 344 -1.63 30.35 -2.36
C ASN B 344 -1.18 31.26 -1.23
N ALA B 345 0.10 31.60 -1.20
CA ALA B 345 0.72 32.35 -0.08
C ALA B 345 0.53 33.86 -0.14
N SER B 346 0.48 34.42 -1.35
CA SER B 346 0.54 35.86 -1.51
C SER B 346 -0.12 36.32 -2.80
N ASN B 347 -0.34 37.64 -2.94
CA ASN B 347 -0.61 38.20 -4.27
C ASN B 347 0.60 37.75 -5.01
N HIS B 348 0.51 37.44 -6.29
CA HIS B 348 1.72 37.09 -7.03
C HIS B 348 1.53 37.28 -8.53
N LEU B 349 2.60 37.05 -9.30
CA LEU B 349 2.59 37.13 -10.77
C LEU B 349 3.33 35.94 -11.22
N ALA B 350 3.10 35.51 -12.45
CA ALA B 350 3.83 34.40 -12.99
C ALA B 350 4.57 34.83 -14.24
N ILE B 351 5.82 34.40 -14.36
CA ILE B 351 6.60 34.61 -15.58
C ILE B 351 6.31 33.49 -16.56
N GLY B 352 5.88 33.87 -17.75
CA GLY B 352 5.64 32.87 -18.79
C GLY B 352 4.17 32.59 -19.00
N ALA B 353 3.82 31.31 -19.08
CA ALA B 353 2.56 30.89 -19.73
C ALA B 353 1.28 31.34 -19.01
N ALA B 354 0.28 31.69 -19.80
CA ALA B 354 -1.03 32.09 -19.28
C ALA B 354 -1.87 30.84 -19.24
N TYR B 355 -2.90 30.78 -18.39
CA TYR B 355 -3.78 29.62 -18.49
C TYR B 355 -4.85 29.98 -19.53
N ALA B 356 -5.22 29.01 -20.38
CA ALA B 356 -6.21 29.16 -21.43
C ALA B 356 -7.54 29.58 -20.92
N THR B 357 -7.93 29.12 -19.72
CA THR B 357 -9.19 29.49 -19.16
C THR B 357 -9.23 30.94 -18.68
N SER B 358 -8.14 31.68 -18.75
CA SER B 358 -8.17 33.11 -18.30
C SER B 358 -8.89 34.15 -19.24
N VAL B 359 -9.34 33.72 -20.44
CA VAL B 359 -10.29 34.50 -21.25
C VAL B 359 -11.50 33.63 -21.57
N VAL B 360 -12.60 34.28 -21.94
CA VAL B 360 -13.87 33.58 -22.24
C VAL B 360 -13.65 32.55 -23.33
N ASP B 361 -14.15 31.34 -23.08
CA ASP B 361 -14.03 30.21 -23.96
C ASP B 361 -12.57 29.97 -24.43
N GLY B 362 -11.58 30.34 -23.62
CA GLY B 362 -10.18 30.17 -24.05
C GLY B 362 -9.81 28.70 -24.11
N ALA B 363 -10.57 27.85 -23.42
CA ALA B 363 -10.31 26.41 -23.49
C ALA B 363 -10.60 25.88 -24.87
N GLU B 364 -11.42 26.59 -25.67
CA GLU B 364 -11.78 26.12 -27.00
C GLU B 364 -10.88 26.79 -28.06
N MET B 365 -9.82 27.50 -27.67
CA MET B 365 -9.03 28.26 -28.64
C MET B 365 -7.74 27.51 -28.97
N SER B 366 -7.18 27.76 -30.16
CA SER B 366 -5.85 27.30 -30.55
C SER B 366 -4.75 28.17 -29.95
N GLU B 367 -3.53 27.66 -29.97
CA GLU B 367 -2.41 28.44 -29.41
C GLU B 367 -2.38 29.76 -30.14
N GLU B 368 -2.60 29.71 -31.46
CA GLU B 368 -2.70 30.92 -32.30
C GLU B 368 -3.81 31.79 -31.74
N GLU B 369 -5.00 31.22 -31.53
CA GLU B 369 -6.14 32.00 -30.99
C GLU B 369 -5.82 32.71 -29.59
N LEU B 370 -5.16 32.01 -28.66
CA LEU B 370 -4.93 32.58 -27.30
C LEU B 370 -4.01 33.80 -27.33
N GLU B 371 -2.97 33.69 -28.16
CA GLU B 371 -1.97 34.69 -28.23
C GLU B 371 -2.63 35.97 -28.81
N ALA B 372 -3.44 35.80 -29.85
CA ALA B 372 -4.13 36.95 -30.45
C ALA B 372 -4.97 37.60 -29.40
N ALA B 373 -5.53 36.79 -28.49
CA ALA B 373 -6.36 37.38 -27.43
C ALA B 373 -5.53 38.04 -26.35
N GLY B 374 -4.19 37.89 -26.40
CA GLY B 374 -3.34 38.57 -25.43
C GLY B 374 -2.74 37.67 -24.34
N LEU B 375 -2.90 36.35 -24.48
CA LEU B 375 -2.40 35.44 -23.44
C LEU B 375 -1.03 34.89 -23.77
N ASN B 376 -0.04 35.20 -22.96
CA ASN B 376 1.31 34.70 -23.23
C ASN B 376 1.40 33.15 -23.38
N ARG B 377 2.26 32.70 -24.31
CA ARG B 377 2.59 31.28 -24.47
C ARG B 377 4.10 31.04 -24.19
N SER B 378 4.41 30.05 -23.35
CA SER B 378 5.78 29.74 -22.96
C SER B 378 5.86 28.32 -22.47
N ASP B 379 7.05 27.74 -22.48
CA ASP B 379 7.23 26.40 -21.91
C ASP B 379 7.43 26.51 -20.37
N VAL B 380 7.40 27.73 -19.86
CA VAL B 380 7.78 28.05 -18.50
C VAL B 380 6.61 28.72 -17.77
N HIS B 381 6.46 28.48 -16.47
CA HIS B 381 5.44 29.19 -15.68
C HIS B 381 5.97 29.23 -14.27
N VAL B 382 6.19 30.43 -13.75
CA VAL B 382 6.91 30.53 -12.51
C VAL B 382 6.26 31.62 -11.73
N ASP B 383 5.54 31.26 -10.66
CA ASP B 383 4.95 32.27 -9.75
C ASP B 383 5.93 32.83 -8.72
N PHE B 384 5.89 34.15 -8.54
CA PHE B 384 6.65 34.80 -7.48
C PHE B 384 5.75 35.73 -6.69
N MET B 385 5.92 35.68 -5.37
CA MET B 385 5.06 36.39 -4.45
C MET B 385 5.51 37.82 -4.37
N ILE B 386 4.56 38.73 -4.12
CA ILE B 386 4.81 40.16 -4.18
C ILE B 386 3.87 40.87 -3.22
N GLY B 387 3.06 40.12 -2.45
CA GLY B 387 2.11 40.69 -1.51
C GLY B 387 2.70 40.94 -0.13
N SER B 388 2.04 41.79 0.64
CA SER B 388 2.41 42.10 2.01
C SER B 388 1.31 42.97 2.54
N ASN B 389 1.43 43.46 3.76
CA ASN B 389 0.30 44.20 4.33
C ASN B 389 0.43 45.67 4.00
N GLN B 390 1.36 45.96 3.11
CA GLN B 390 1.53 47.33 2.67
C GLN B 390 0.91 47.53 1.29
N MET B 391 0.56 46.43 0.63
CA MET B 391 0.21 46.48 -0.80
C MET B 391 -1.16 47.10 -1.06
N ASP B 392 -1.15 48.05 -2.01
CA ASP B 392 -2.37 48.77 -2.45
C ASP B 392 -2.59 48.42 -3.91
N ILE B 393 -3.82 48.08 -4.27
CA ILE B 393 -4.09 47.73 -5.68
C ILE B 393 -5.33 48.44 -6.20
N ASP B 394 -5.19 49.09 -7.34
CA ASP B 394 -6.36 49.70 -7.97
C ASP B 394 -6.70 48.99 -9.25
N GLY B 395 -7.99 48.69 -9.42
CA GLY B 395 -8.54 48.37 -10.73
C GLY B 395 -8.80 49.63 -11.56
N ILE B 396 -8.09 49.78 -12.66
CA ILE B 396 -8.22 50.94 -13.55
C ILE B 396 -9.32 50.76 -14.59
N ARG B 397 -10.49 51.38 -14.40
CA ARG B 397 -11.55 51.28 -15.42
C ARG B 397 -11.19 51.74 -16.83
N GLU B 398 -12.20 51.69 -17.70
CA GLU B 398 -12.13 52.16 -19.10
C GLU B 398 -11.74 53.62 -19.29
N ASP B 399 -12.64 54.50 -18.83
CA ASP B 399 -12.37 55.93 -18.86
C ASP B 399 -11.07 56.24 -18.12
N GLY B 400 -10.53 55.24 -17.42
CA GLY B 400 -9.29 55.45 -16.69
C GLY B 400 -9.59 55.76 -15.25
N THR B 401 -10.85 55.55 -14.85
CA THR B 401 -11.28 55.70 -13.46
C THR B 401 -10.63 54.64 -12.56
N ARG B 402 -10.00 55.11 -11.50
CA ARG B 402 -9.37 54.28 -10.49
C ARG B 402 -10.38 53.62 -9.53
N VAL B 403 -10.48 52.29 -9.48
CA VAL B 403 -11.22 51.64 -8.36
C VAL B 403 -10.29 50.86 -7.41
N PRO B 404 -10.50 51.03 -6.10
CA PRO B 404 -9.57 50.41 -5.16
C PRO B 404 -9.91 48.92 -5.01
N LEU B 405 -8.92 48.04 -5.19
CA LEU B 405 -9.18 46.60 -5.01
C LEU B 405 -8.50 46.11 -3.75
N PHE B 406 -7.22 46.37 -3.63
CA PHE B 406 -6.55 46.12 -2.35
C PHE B 406 -6.09 47.42 -1.67
N ARG B 407 -6.42 47.55 -0.39
CA ARG B 407 -5.78 48.51 0.54
C ARG B 407 -4.98 47.76 1.67
N ASN B 408 -3.68 48.01 1.75
CA ASN B 408 -2.85 47.41 2.81
C ASN B 408 -2.88 45.87 2.84
N GLY B 409 -3.11 45.26 1.67
CA GLY B 409 -2.91 43.83 1.51
C GLY B 409 -4.16 43.07 1.84
N ASN B 410 -5.29 43.76 1.89
CA ASN B 410 -6.56 43.08 2.00
C ASN B 410 -7.61 43.71 1.05
N TRP B 411 -8.73 43.04 0.87
CA TRP B 411 -9.74 43.51 -0.07
C TRP B 411 -10.14 44.99 0.17
ZN ZN C . 1.73 -31.27 9.99
ZN ZN D . -1.92 -31.16 9.20
AS CAC E . 0.13 -29.36 7.95
O1 CAC E . -1.57 -29.70 7.88
O2 CAC E . 0.64 -30.13 9.44
C1 CAC E . 1.24 -30.19 6.52
C2 CAC E . 0.44 -27.43 7.83
AS CAC F . -3.16 -27.54 10.99
O1 CAC F . -2.28 -29.00 11.27
O2 CAC F . -4.57 -27.68 12.08
C1 CAC F . -2.43 -25.97 11.94
C2 CAC F . -3.77 -27.21 9.16
ZN ZN G . 0.74 30.29 -11.53
ZN ZN H . -1.48 31.62 -8.81
AS CAC I . -1.27 28.68 -10.09
O1 CAC I . -0.83 30.22 -9.38
O2 CAC I . -0.26 28.40 -11.46
C1 CAC I . -1.26 27.15 -8.83
C2 CAC I . -3.08 28.96 -10.80
AS CAC J . 3.56 27.93 -9.47
O1 CAC J . 2.53 29.04 -8.63
O2 CAC J . 5.14 28.62 -9.95
C1 CAC J . 4.22 26.40 -8.42
C2 CAC J . 2.54 27.17 -11.02
#